data_7JHO
#
_entry.id   7JHO
#
_cell.length_a   137.651
_cell.length_b   76.511
_cell.length_c   82.704
_cell.angle_alpha   90.000
_cell.angle_beta   109.930
_cell.angle_gamma   90.000
#
_symmetry.space_group_name_H-M   'C 1 2 1'
#
loop_
_entity.id
_entity.type
_entity.pdbx_description
1 polymer 'N-acetyllactosaminide beta-1,3-N-acetylglucosaminyltransferase 2'
2 branched 2-acetamido-2-deoxy-beta-D-glucopyranose-(1-4)-2-acetamido-2-deoxy-beta-D-glucopyranose
3 branched alpha-D-mannopyranose-(1-3)-[alpha-D-mannopyranose-(1-6)]beta-D-mannopyranose-(1-4)-2-acetamido-2-deoxy-beta-D-glucopyranose-(1-4)-2-acetamido-2-deoxy-beta-D-glucopyranose
4 branched alpha-D-mannopyranose-(1-3)-[alpha-D-mannopyranose-(1-6)]beta-D-mannopyranose-(1-4)-2-acetamido-2-deoxy-beta-D-glucopyranose-(1-4)-[alpha-L-fucopyranose-(1-6)]2-acetamido-2-deoxy-beta-D-glucopyranose
5 non-polymer "URIDINE-5'-DIPHOSPHATE"
6 non-polymer 'MAGNESIUM ION'
7 non-polymer GLYCEROL
8 non-polymer 'CHLORIDE ION'
9 non-polymer 2-acetamido-2-deoxy-beta-D-glucopyranose
10 water water
#
_entity_poly.entity_id   1
_entity_poly.type   'polypeptide(L)'
_entity_poly.pdbx_seq_one_letter_code
;MHHHHHHHHENLYFQGSKEKFWKISTPPEAYWNREQEKLNRQYNPILSMLTNQTGEAGRLSNISHLNYCEPDLRVTSVVT
GFNNLPDRFKDFLLYLRCRNYSLLIDQPDKCAKKPFLLLAIKSLTPHFARRQAIRESWGQESNAGNQTVVRVFLLGQTPP
EDNHPDLSDMLKFESEKHQDILMWNYRDTFFNLSLKEVLFLRWVSTSCPDTEFVFKGDDDVFVNTHHILNYLNSLSKTKA
KDLFIGDVIHNAGPHRDKKLKYYIPEVVYSGLYPPYAGGGGFLYSGHLALRLYHITDQVHLYPIDDVYTGMCLQKLGLVP
EKHKGFRTFDIEEKNKNNICSYVDLMLVHSRKPQEMIDIWSQLQSAHLKC
;
_entity_poly.pdbx_strand_id   A,B
#
# COMPACT_ATOMS: atom_id res chain seq x y z
N PRO A 28 -13.83 25.64 -11.34
CA PRO A 28 -14.42 25.62 -9.99
C PRO A 28 -14.93 26.98 -9.56
N GLU A 29 -15.23 27.12 -8.27
CA GLU A 29 -15.69 28.38 -7.71
C GLU A 29 -14.59 29.10 -6.95
N ALA A 30 -13.67 28.37 -6.34
CA ALA A 30 -12.56 28.99 -5.62
C ALA A 30 -11.51 29.48 -6.60
N TYR A 31 -10.96 30.66 -6.31
CA TYR A 31 -10.11 31.35 -7.28
C TYR A 31 -8.85 30.55 -7.60
N TRP A 32 -8.18 30.02 -6.59
CA TRP A 32 -6.93 29.32 -6.84
C TRP A 32 -7.17 28.07 -7.69
N ASN A 33 -8.19 27.27 -7.33
CA ASN A 33 -8.49 26.06 -8.08
C ASN A 33 -8.82 26.39 -9.53
N ARG A 34 -9.57 27.48 -9.75
CA ARG A 34 -9.93 27.89 -11.10
C ARG A 34 -8.70 28.25 -11.93
N GLU A 35 -7.81 29.07 -11.37
CA GLU A 35 -6.60 29.45 -12.11
C GLU A 35 -5.67 28.26 -12.30
N GLN A 36 -5.58 27.38 -11.30
CA GLN A 36 -4.73 26.19 -11.47
C GLN A 36 -5.27 25.30 -12.59
N GLU A 37 -6.59 25.19 -12.70
CA GLU A 37 -7.15 24.40 -13.80
C GLU A 37 -6.82 25.01 -15.15
N LYS A 38 -6.74 26.34 -15.23
CA LYS A 38 -6.29 26.98 -16.47
C LYS A 38 -4.84 26.64 -16.78
N LEU A 39 -3.97 26.64 -15.75
CA LEU A 39 -2.60 26.19 -15.96
C LEU A 39 -2.54 24.76 -16.45
N ASN A 40 -3.34 23.88 -15.86
CA ASN A 40 -3.35 22.48 -16.27
C ASN A 40 -3.66 22.34 -17.75
N ARG A 41 -4.65 23.09 -18.24
CA ARG A 41 -4.98 23.01 -19.66
C ARG A 41 -3.83 23.54 -20.53
N GLN A 42 -3.06 24.50 -20.01
CA GLN A 42 -1.94 25.03 -20.76
C GLN A 42 -0.79 24.03 -20.88
N TYR A 43 -0.61 23.17 -19.88
CA TYR A 43 0.54 22.27 -19.87
C TYR A 43 0.19 20.84 -20.24
N ASN A 44 -1.08 20.53 -20.50
CA ASN A 44 -1.49 19.13 -20.73
C ASN A 44 -2.39 19.06 -21.94
N PRO A 45 -1.85 18.73 -23.13
CA PRO A 45 -2.69 18.59 -24.33
C PRO A 45 -3.88 17.68 -24.15
N ILE A 46 -3.78 16.67 -23.28
CA ILE A 46 -4.89 15.73 -23.12
C ILE A 46 -6.13 16.38 -22.53
N LEU A 47 -6.01 17.58 -21.98
CA LEU A 47 -7.15 18.34 -21.48
C LEU A 47 -7.77 19.25 -22.52
N SER A 48 -7.28 19.24 -23.76
CA SER A 48 -7.71 20.21 -24.76
C SER A 48 -9.17 20.03 -25.17
N MET A 49 -9.75 18.87 -24.91
CA MET A 49 -11.13 18.57 -25.28
C MET A 49 -12.01 18.44 -24.05
N ASN A 62 -4.30 35.99 -21.00
CA ASN A 62 -3.22 36.01 -21.97
C ASN A 62 -1.90 36.46 -21.33
N ILE A 63 -2.01 37.10 -20.16
CA ILE A 63 -0.82 37.58 -19.48
C ILE A 63 -0.05 36.40 -18.89
N SER A 64 1.26 36.57 -18.73
CA SER A 64 2.09 35.54 -18.13
C SER A 64 1.62 35.22 -16.71
N HIS A 65 1.84 33.99 -16.28
CA HIS A 65 1.63 33.63 -14.89
C HIS A 65 2.95 33.56 -14.11
N LEU A 66 4.05 33.90 -14.75
CA LEU A 66 5.37 33.78 -14.17
C LEU A 66 6.12 35.09 -14.04
N ASN A 67 5.89 36.06 -14.94
CA ASN A 67 6.64 37.30 -14.85
C ASN A 67 5.77 38.54 -15.06
N TYR A 68 4.47 38.42 -14.78
CA TYR A 68 3.57 39.58 -14.81
C TYR A 68 3.60 40.22 -13.42
N CYS A 69 4.20 41.40 -13.32
CA CYS A 69 4.49 41.96 -12.01
C CYS A 69 3.77 43.28 -11.74
N GLU A 70 2.84 43.67 -12.60
CA GLU A 70 1.89 44.72 -12.28
C GLU A 70 0.72 44.10 -11.51
N PRO A 71 -0.04 44.90 -10.76
CA PRO A 71 -1.17 44.33 -10.02
C PRO A 71 -2.20 43.72 -10.98
N ASP A 72 -2.65 42.52 -10.65
CA ASP A 72 -3.60 41.80 -11.50
C ASP A 72 -5.01 42.24 -11.10
N LEU A 73 -5.42 43.37 -11.68
CA LEU A 73 -6.63 44.05 -11.21
C LEU A 73 -7.89 43.23 -11.44
N ARG A 74 -7.86 42.30 -12.41
CA ARG A 74 -9.01 41.45 -12.66
C ARG A 74 -9.49 40.74 -11.40
N VAL A 75 -8.59 40.46 -10.45
CA VAL A 75 -8.99 39.72 -9.25
C VAL A 75 -10.01 40.49 -8.43
N THR A 76 -9.97 41.82 -8.47
CA THR A 76 -10.89 42.61 -7.64
C THR A 76 -12.34 42.47 -8.09
N SER A 77 -12.57 41.99 -9.32
CA SER A 77 -13.92 41.72 -9.78
C SER A 77 -14.30 40.25 -9.73
N VAL A 78 -13.36 39.34 -9.96
CA VAL A 78 -13.73 37.92 -10.05
C VAL A 78 -13.68 37.19 -8.71
N VAL A 79 -13.10 37.79 -7.68
CA VAL A 79 -13.05 37.17 -6.36
C VAL A 79 -14.14 37.81 -5.51
N THR A 80 -15.16 37.02 -5.19
CA THR A 80 -16.33 37.54 -4.47
C THR A 80 -15.92 37.99 -3.08
N GLY A 81 -16.14 39.27 -2.79
CA GLY A 81 -15.80 39.83 -1.49
C GLY A 81 -14.36 40.26 -1.34
N PHE A 82 -13.67 40.51 -2.46
CA PHE A 82 -12.25 40.82 -2.45
C PHE A 82 -11.92 41.96 -1.48
N ASN A 83 -12.75 43.01 -1.48
CA ASN A 83 -12.42 44.20 -0.73
C ASN A 83 -12.48 43.98 0.77
N ASN A 84 -13.14 42.92 1.24
CA ASN A 84 -13.24 42.62 2.66
C ASN A 84 -12.25 41.56 3.12
N LEU A 85 -11.39 41.07 2.22
CA LEU A 85 -10.38 40.10 2.62
C LEU A 85 -9.25 40.78 3.38
N PRO A 86 -8.55 40.06 4.27
CA PRO A 86 -7.37 40.63 4.90
C PRO A 86 -6.34 41.07 3.88
N ASP A 87 -5.51 42.04 4.27
CA ASP A 87 -4.55 42.62 3.34
C ASP A 87 -3.62 41.56 2.75
N ARG A 88 -3.25 40.54 3.54
CA ARG A 88 -2.33 39.53 3.01
C ARG A 88 -2.94 38.77 1.85
N PHE A 89 -4.27 38.58 1.85
CA PHE A 89 -4.90 37.92 0.72
C PHE A 89 -4.96 38.83 -0.49
N LYS A 90 -5.24 40.12 -0.26
CA LYS A 90 -5.26 41.06 -1.38
C LYS A 90 -3.91 41.10 -2.08
N ASP A 91 -2.83 41.20 -1.31
CA ASP A 91 -1.51 41.24 -1.94
C ASP A 91 -1.16 39.91 -2.59
N PHE A 92 -1.52 38.79 -1.96
CA PHE A 92 -1.26 37.49 -2.57
C PHE A 92 -1.95 37.38 -3.93
N LEU A 93 -3.22 37.76 -3.98
CA LEU A 93 -3.97 37.63 -5.23
C LEU A 93 -3.49 38.62 -6.28
N LEU A 94 -3.14 39.84 -5.87
CA LEU A 94 -2.74 40.87 -6.82
C LEU A 94 -1.43 40.54 -7.53
N TYR A 95 -0.47 39.92 -6.82
CA TYR A 95 0.86 39.74 -7.38
C TYR A 95 1.22 38.27 -7.56
N LEU A 96 0.22 37.40 -7.59
CA LEU A 96 0.41 35.95 -7.77
C LEU A 96 1.23 35.59 -9.00
N ARG A 97 1.17 36.40 -10.06
CA ARG A 97 1.73 36.05 -11.36
C ARG A 97 3.17 36.50 -11.53
N CYS A 98 3.80 36.96 -10.45
CA CYS A 98 5.18 37.47 -10.48
C CYS A 98 6.04 36.57 -9.62
N ARG A 99 7.03 35.91 -10.23
CA ARG A 99 8.02 35.22 -9.40
C ARG A 99 9.44 35.40 -9.88
N ASN A 100 9.71 36.35 -10.77
CA ASN A 100 11.08 36.56 -11.26
C ASN A 100 11.77 37.64 -10.45
N TYR A 101 12.11 37.29 -9.21
CA TYR A 101 12.83 38.16 -8.31
C TYR A 101 14.32 37.82 -8.34
N SER A 102 15.15 38.84 -8.12
N SER A 102 15.16 38.83 -8.16
CA SER A 102 16.59 38.72 -8.24
CA SER A 102 16.59 38.65 -8.26
C SER A 102 17.23 38.58 -6.86
C SER A 102 17.22 38.54 -6.87
N LEU A 103 18.44 38.01 -6.86
CA LEU A 103 19.23 37.93 -5.64
C LEU A 103 19.90 39.28 -5.36
N LEU A 104 19.73 39.76 -4.14
CA LEU A 104 20.43 40.96 -3.69
C LEU A 104 21.73 40.62 -2.97
N ILE A 105 21.75 39.50 -2.26
CA ILE A 105 22.94 38.95 -1.63
C ILE A 105 23.03 37.49 -2.05
N ASP A 106 24.11 37.13 -2.72
CA ASP A 106 24.29 35.76 -3.21
C ASP A 106 25.59 35.21 -2.65
N GLN A 107 25.69 33.87 -2.65
CA GLN A 107 26.93 33.17 -2.34
C GLN A 107 27.14 32.20 -3.49
N PRO A 108 27.56 32.71 -4.65
CA PRO A 108 27.58 31.88 -5.87
C PRO A 108 28.54 30.70 -5.81
N ASP A 109 29.48 30.69 -4.87
CA ASP A 109 30.45 29.60 -4.79
C ASP A 109 30.25 28.76 -3.54
N LYS A 110 29.06 28.82 -2.94
CA LYS A 110 28.76 28.03 -1.75
C LYS A 110 28.97 26.54 -1.99
N CYS A 111 28.70 26.06 -3.20
CA CYS A 111 28.83 24.65 -3.50
C CYS A 111 30.02 24.35 -4.40
N ALA A 112 31.07 25.18 -4.30
CA ALA A 112 32.34 24.90 -4.99
C ALA A 112 32.82 23.49 -4.71
N LYS A 113 32.72 23.04 -3.46
CA LYS A 113 32.96 21.65 -3.11
C LYS A 113 31.61 20.95 -3.03
N LYS A 114 31.44 19.87 -3.79
CA LYS A 114 30.16 19.20 -3.94
C LYS A 114 29.58 18.80 -2.57
N PRO A 115 28.42 19.32 -2.17
CA PRO A 115 27.86 18.96 -0.86
C PRO A 115 27.25 17.58 -0.84
N PHE A 116 27.45 16.88 0.29
CA PHE A 116 26.61 15.73 0.60
C PHE A 116 25.25 16.20 1.12
N LEU A 117 25.25 17.23 1.97
CA LEU A 117 24.02 17.72 2.60
C LEU A 117 24.05 19.25 2.62
N LEU A 118 23.08 19.85 1.97
CA LEU A 118 22.87 21.29 1.97
C LEU A 118 21.81 21.61 3.01
N LEU A 119 22.15 22.41 4.01
CA LEU A 119 21.20 22.89 5.01
C LEU A 119 20.69 24.25 4.57
N ALA A 120 19.39 24.35 4.31
CA ALA A 120 18.77 25.59 3.85
C ALA A 120 17.74 26.02 4.89
N ILE A 121 18.00 27.13 5.58
N ILE A 121 18.01 27.12 5.58
CA ILE A 121 17.21 27.51 6.75
CA ILE A 121 17.24 27.53 6.76
C ILE A 121 16.49 28.81 6.46
C ILE A 121 16.49 28.81 6.42
N LYS A 122 15.16 28.75 6.50
CA LYS A 122 14.36 29.95 6.29
C LYS A 122 14.51 30.87 7.50
N SER A 123 14.71 32.16 7.23
CA SER A 123 14.93 33.12 8.31
C SER A 123 14.39 34.48 7.88
N LEU A 124 14.38 35.41 8.83
CA LEU A 124 13.90 36.77 8.64
C LEU A 124 14.99 37.71 9.14
N THR A 125 15.17 38.86 8.46
CA THR A 125 16.27 39.78 8.79
C THR A 125 16.58 39.93 10.28
N PRO A 126 15.63 40.22 11.18
CA PRO A 126 16.00 40.50 12.57
C PRO A 126 16.36 39.28 13.40
N HIS A 127 16.33 38.07 12.83
CA HIS A 127 16.60 36.86 13.59
C HIS A 127 18.09 36.56 13.73
N PHE A 128 18.90 37.54 14.15
CA PHE A 128 20.35 37.36 14.22
C PHE A 128 20.74 36.28 15.23
N ALA A 129 20.09 36.26 16.39
CA ALA A 129 20.42 35.27 17.41
C ALA A 129 20.11 33.86 16.95
N ARG A 130 18.98 33.67 16.26
CA ARG A 130 18.63 32.34 15.78
C ARG A 130 19.68 31.84 14.79
N ARG A 131 20.06 32.69 13.85
CA ARG A 131 21.05 32.28 12.86
C ARG A 131 22.38 31.95 13.52
N GLN A 132 22.84 32.79 14.45
CA GLN A 132 24.14 32.55 15.08
C GLN A 132 24.13 31.27 15.91
N ALA A 133 23.04 31.00 16.62
CA ALA A 133 22.94 29.75 17.36
C ALA A 133 23.01 28.55 16.42
N ILE A 134 22.33 28.62 15.28
CA ILE A 134 22.36 27.53 14.31
C ILE A 134 23.77 27.35 13.76
N ARG A 135 24.46 28.46 13.45
CA ARG A 135 25.86 28.40 13.00
C ARG A 135 26.74 27.67 14.01
N GLU A 136 26.52 27.95 15.29
CA GLU A 136 27.38 27.38 16.34
C GLU A 136 27.00 25.95 16.71
N SER A 137 25.81 25.48 16.34
CA SER A 137 25.37 24.20 16.83
C SER A 137 25.12 23.26 15.65
N TRP A 138 23.85 22.93 15.38
CA TRP A 138 23.57 21.86 14.43
C TRP A 138 23.83 22.26 12.99
N GLY A 139 23.94 23.55 12.68
CA GLY A 139 24.15 23.99 11.33
C GLY A 139 25.59 24.28 10.96
N GLN A 140 26.55 23.86 11.77
CA GLN A 140 27.93 24.17 11.43
C GLN A 140 28.35 23.42 10.17
N GLU A 141 29.17 24.06 9.35
CA GLU A 141 29.68 23.36 8.18
C GLU A 141 30.74 22.36 8.62
N SER A 142 30.83 21.25 7.90
CA SER A 142 31.72 20.17 8.29
C SER A 142 32.01 19.30 7.09
N ASN A 143 32.97 18.38 7.27
CA ASN A 143 33.42 17.57 6.14
C ASN A 143 33.92 16.19 6.60
N ALA A 144 33.40 15.69 7.71
CA ALA A 144 33.77 14.36 8.19
C ALA A 144 33.49 13.31 7.13
N GLY A 145 34.45 12.41 6.94
CA GLY A 145 34.31 11.36 5.94
C GLY A 145 34.13 11.87 4.53
N ASN A 146 34.65 13.07 4.23
CA ASN A 146 34.49 13.74 2.95
C ASN A 146 33.03 14.01 2.60
N GLN A 147 32.14 13.96 3.57
CA GLN A 147 30.73 14.25 3.32
C GLN A 147 30.47 15.69 3.74
N THR A 148 30.54 16.58 2.77
CA THR A 148 30.54 18.01 3.03
C THR A 148 29.13 18.48 3.39
N VAL A 149 29.03 19.22 4.48
CA VAL A 149 27.80 19.87 4.92
C VAL A 149 27.99 21.37 4.75
N VAL A 150 27.07 22.00 4.00
CA VAL A 150 27.12 23.44 3.78
C VAL A 150 25.77 24.04 4.15
N ARG A 151 25.79 25.34 4.45
CA ARG A 151 24.67 26.03 5.10
C ARG A 151 24.36 27.34 4.40
N VAL A 152 23.08 27.58 4.09
CA VAL A 152 22.61 28.90 3.68
C VAL A 152 21.35 29.24 4.48
N PHE A 153 21.21 30.53 4.79
CA PHE A 153 19.97 31.09 5.31
C PHE A 153 19.22 31.78 4.17
N LEU A 154 17.88 31.65 4.18
CA LEU A 154 17.04 32.12 3.08
C LEU A 154 16.21 33.30 3.56
N LEU A 155 16.49 34.49 3.03
CA LEU A 155 15.81 35.72 3.43
C LEU A 155 15.21 36.43 2.22
N GLY A 156 14.11 37.14 2.47
CA GLY A 156 13.67 38.20 1.61
C GLY A 156 13.93 39.56 2.23
N GLN A 157 13.27 40.58 1.69
CA GLN A 157 13.39 41.95 2.18
C GLN A 157 12.42 42.25 3.31
N THR A 158 12.87 43.06 4.27
CA THR A 158 12.02 43.64 5.31
C THR A 158 12.12 45.16 5.14
N PRO A 159 11.36 45.72 4.21
CA PRO A 159 11.64 47.06 3.72
C PRO A 159 11.12 48.15 4.64
N PRO A 160 11.70 49.35 4.56
CA PRO A 160 11.26 50.45 5.43
C PRO A 160 9.85 50.91 5.15
N GLU A 161 9.37 50.78 3.91
CA GLU A 161 8.01 51.23 3.61
C GLU A 161 6.96 50.35 4.27
N ASP A 162 7.34 49.16 4.75
CA ASP A 162 6.46 48.34 5.58
C ASP A 162 6.69 48.55 7.07
N ASN A 163 7.39 49.62 7.45
CA ASN A 163 7.65 50.00 8.84
C ASN A 163 8.62 49.08 9.57
N HIS A 164 9.43 48.31 8.85
CA HIS A 164 10.49 47.54 9.51
C HIS A 164 11.63 48.46 9.91
N PRO A 165 12.28 48.19 11.05
CA PRO A 165 13.49 48.96 11.40
C PRO A 165 14.57 48.69 10.38
N ASP A 166 15.41 49.69 10.14
CA ASP A 166 16.50 49.54 9.18
C ASP A 166 17.64 48.75 9.83
N LEU A 167 17.76 47.48 9.47
CA LEU A 167 18.83 46.62 9.95
C LEU A 167 19.79 46.24 8.81
N SER A 168 19.78 47.02 7.73
CA SER A 168 20.54 46.64 6.53
C SER A 168 22.04 46.61 6.79
N ASP A 169 22.58 47.60 7.51
CA ASP A 169 24.02 47.58 7.79
C ASP A 169 24.42 46.38 8.65
N MET A 170 23.58 46.02 9.62
CA MET A 170 23.85 44.83 10.43
C MET A 170 23.79 43.57 9.58
N LEU A 171 22.80 43.48 8.70
CA LEU A 171 22.71 42.32 7.81
C LEU A 171 23.92 42.24 6.87
N LYS A 172 24.37 43.38 6.35
CA LYS A 172 25.57 43.38 5.53
C LYS A 172 26.78 42.92 6.32
N PHE A 173 26.92 43.39 7.56
CA PHE A 173 28.00 42.99 8.45
C PHE A 173 27.99 41.48 8.67
N GLU A 174 26.81 40.93 8.96
CA GLU A 174 26.66 39.49 9.16
C GLU A 174 26.99 38.71 7.88
N SER A 175 26.54 39.21 6.74
CA SER A 175 26.81 38.53 5.47
C SER A 175 28.30 38.53 5.15
N GLU A 176 28.97 39.67 5.35
CA GLU A 176 30.41 39.72 5.07
C GLU A 176 31.17 38.74 5.96
N LYS A 177 30.78 38.66 7.23
CA LYS A 177 31.53 37.84 8.18
C LYS A 177 31.28 36.34 8.00
N HIS A 178 30.02 35.94 7.76
CA HIS A 178 29.65 34.53 7.77
C HIS A 178 29.37 33.93 6.40
N GLN A 179 29.15 34.77 5.38
CA GLN A 179 29.07 34.31 3.99
C GLN A 179 28.03 33.21 3.80
N ASP A 180 26.90 33.32 4.52
CA ASP A 180 25.89 32.26 4.44
C ASP A 180 24.47 32.82 4.29
N ILE A 181 24.31 34.06 3.84
CA ILE A 181 23.01 34.68 3.66
C ILE A 181 22.71 34.73 2.17
N LEU A 182 21.58 34.16 1.76
CA LEU A 182 20.99 34.41 0.44
C LEU A 182 19.76 35.28 0.66
N MET A 183 19.68 36.39 -0.07
N MET A 183 19.70 36.40 -0.06
CA MET A 183 18.58 37.33 0.11
CA MET A 183 18.61 37.35 0.08
C MET A 183 18.10 37.81 -1.24
C MET A 183 18.10 37.75 -1.30
N TRP A 184 16.80 37.66 -1.50
CA TRP A 184 16.14 38.06 -2.73
C TRP A 184 15.30 39.31 -2.51
N ASN A 185 14.98 39.99 -3.61
CA ASN A 185 14.29 41.28 -3.55
C ASN A 185 12.77 41.12 -3.68
N TYR A 186 12.18 40.40 -2.73
CA TYR A 186 10.74 40.35 -2.58
C TYR A 186 10.40 40.57 -1.10
N ARG A 187 9.15 40.95 -0.83
CA ARG A 187 8.72 41.20 0.55
C ARG A 187 8.61 39.89 1.32
N ASP A 188 9.42 39.76 2.38
CA ASP A 188 9.47 38.50 3.13
C ASP A 188 8.28 38.49 4.09
N THR A 189 7.23 37.75 3.71
CA THR A 189 6.00 37.66 4.49
C THR A 189 5.55 36.21 4.53
N PHE A 190 4.69 35.94 5.51
N PHE A 190 4.67 35.90 5.48
CA PHE A 190 4.08 34.62 5.68
CA PHE A 190 4.18 34.52 5.59
C PHE A 190 3.54 34.08 4.35
C PHE A 190 3.57 34.05 4.27
N PHE A 191 2.73 34.87 3.66
CA PHE A 191 2.09 34.45 2.42
C PHE A 191 3.02 34.51 1.21
N ASN A 192 4.25 34.99 1.36
CA ASN A 192 5.24 34.88 0.30
C ASN A 192 6.23 33.74 0.52
N LEU A 193 5.97 32.86 1.47
CA LEU A 193 6.93 31.79 1.72
C LEU A 193 6.98 30.78 0.57
N SER A 194 5.94 30.65 -0.26
N SER A 194 5.92 30.64 -0.23
CA SER A 194 6.07 29.78 -1.41
CA SER A 194 6.03 29.80 -1.42
C SER A 194 6.95 30.41 -2.47
C SER A 194 7.02 30.41 -2.40
N LEU A 195 7.05 31.74 -2.49
CA LEU A 195 8.08 32.41 -3.27
C LEU A 195 9.46 32.07 -2.73
N LYS A 196 9.61 32.08 -1.40
CA LYS A 196 10.90 31.72 -0.83
C LYS A 196 11.31 30.32 -1.26
N GLU A 197 10.34 29.42 -1.36
CA GLU A 197 10.62 28.04 -1.77
C GLU A 197 11.01 27.98 -3.24
N VAL A 198 10.25 28.63 -4.12
CA VAL A 198 10.55 28.56 -5.56
C VAL A 198 11.90 29.20 -5.85
N LEU A 199 12.18 30.34 -5.25
CA LEU A 199 13.45 31.02 -5.52
C LEU A 199 14.63 30.22 -4.97
N PHE A 200 14.44 29.52 -3.85
CA PHE A 200 15.50 28.67 -3.34
C PHE A 200 15.74 27.49 -4.28
N LEU A 201 14.68 26.80 -4.70
CA LEU A 201 14.83 25.72 -5.65
C LEU A 201 15.50 26.20 -6.95
N ARG A 202 15.19 27.42 -7.39
CA ARG A 202 15.87 27.99 -8.54
C ARG A 202 17.36 28.14 -8.28
N TRP A 203 17.71 28.58 -7.07
CA TRP A 203 19.11 28.71 -6.69
C TRP A 203 19.82 27.36 -6.65
N VAL A 204 19.15 26.32 -6.14
CA VAL A 204 19.75 24.99 -6.19
C VAL A 204 20.06 24.59 -7.62
N SER A 205 19.13 24.85 -8.55
N SER A 205 19.12 24.86 -8.55
CA SER A 205 19.35 24.45 -9.94
CA SER A 205 19.31 24.48 -9.93
C SER A 205 20.49 25.23 -10.58
C SER A 205 20.48 25.24 -10.56
N THR A 206 20.61 26.52 -10.26
CA THR A 206 21.65 27.34 -10.88
C THR A 206 23.00 27.20 -10.17
N SER A 207 23.00 27.08 -8.84
CA SER A 207 24.23 27.25 -8.07
C SER A 207 24.60 26.07 -7.19
N CYS A 208 23.72 25.11 -6.99
CA CYS A 208 24.12 23.94 -6.22
C CYS A 208 23.52 22.64 -6.78
N PRO A 209 23.57 22.39 -8.09
CA PRO A 209 22.81 21.26 -8.65
C PRO A 209 23.35 19.89 -8.28
N ASP A 210 24.55 19.79 -7.74
CA ASP A 210 25.19 18.52 -7.44
C ASP A 210 25.07 18.09 -5.99
N THR A 211 24.34 18.83 -5.14
CA THR A 211 24.23 18.41 -3.75
C THR A 211 23.47 17.09 -3.70
N GLU A 212 23.94 16.17 -2.85
CA GLU A 212 23.29 14.86 -2.77
C GLU A 212 21.93 14.98 -2.11
N PHE A 213 21.85 15.75 -1.02
CA PHE A 213 20.64 15.86 -0.24
C PHE A 213 20.45 17.31 0.19
N VAL A 214 19.20 17.64 0.50
CA VAL A 214 18.81 18.97 0.97
C VAL A 214 18.00 18.80 2.24
N PHE A 215 18.33 19.56 3.27
CA PHE A 215 17.43 19.75 4.39
C PHE A 215 16.95 21.20 4.34
N LYS A 216 15.63 21.39 4.27
CA LYS A 216 15.05 22.72 4.31
C LYS A 216 14.24 22.83 5.59
N GLY A 217 14.58 23.81 6.43
CA GLY A 217 13.93 23.94 7.73
C GLY A 217 13.74 25.39 8.12
N ASP A 218 13.13 25.55 9.30
CA ASP A 218 12.89 26.84 9.95
C ASP A 218 14.05 27.16 10.89
N ASP A 219 14.13 28.43 11.31
CA ASP A 219 15.21 28.83 12.21
C ASP A 219 14.85 28.71 13.70
N ASP A 220 13.75 28.01 14.02
CA ASP A 220 13.40 27.78 15.42
C ASP A 220 13.25 26.30 15.75
N VAL A 221 13.88 25.41 14.98
CA VAL A 221 13.86 23.99 15.30
C VAL A 221 15.26 23.56 15.68
N PHE A 222 15.33 22.52 16.50
CA PHE A 222 16.60 21.82 16.68
C PHE A 222 16.66 20.65 15.71
N VAL A 223 17.80 20.49 15.06
CA VAL A 223 18.01 19.42 14.08
C VAL A 223 19.17 18.54 14.52
N ASN A 224 18.97 17.23 14.58
CA ASN A 224 20.08 16.35 14.92
C ASN A 224 20.80 15.97 13.63
N THR A 225 21.77 16.80 13.23
N THR A 225 21.77 16.81 13.25
CA THR A 225 22.41 16.60 11.94
CA THR A 225 22.45 16.65 11.96
C THR A 225 23.28 15.35 11.90
C THR A 225 23.26 15.35 11.90
N HIS A 226 23.82 14.92 13.04
CA HIS A 226 24.54 13.65 13.06
C HIS A 226 23.59 12.50 12.76
N HIS A 227 22.39 12.53 13.34
CA HIS A 227 21.43 11.47 13.07
C HIS A 227 20.99 11.50 11.61
N ILE A 228 20.81 12.69 11.03
CA ILE A 228 20.42 12.77 9.63
C ILE A 228 21.51 12.17 8.73
N LEU A 229 22.78 12.49 9.01
CA LEU A 229 23.86 11.90 8.21
C LEU A 229 23.91 10.39 8.35
N ASN A 230 23.73 9.87 9.57
CA ASN A 230 23.69 8.42 9.73
C ASN A 230 22.54 7.81 8.94
N TYR A 231 21.37 8.44 8.98
CA TYR A 231 20.22 7.97 8.21
C TYR A 231 20.53 7.97 6.70
N LEU A 232 21.07 9.07 6.18
CA LEU A 232 21.34 9.13 4.74
C LEU A 232 22.32 8.05 4.30
N ASN A 233 23.32 7.76 5.13
CA ASN A 233 24.29 6.71 4.80
C ASN A 233 23.73 5.31 4.92
N SER A 234 22.54 5.14 5.49
CA SER A 234 21.87 3.84 5.51
C SER A 234 20.91 3.64 4.35
N LEU A 235 20.78 4.62 3.45
CA LEU A 235 19.82 4.53 2.34
C LEU A 235 20.42 3.86 1.11
N SER A 236 19.65 2.96 0.52
CA SER A 236 20.01 2.45 -0.81
C SER A 236 19.93 3.59 -1.82
N LYS A 237 20.64 3.44 -2.94
CA LYS A 237 20.56 4.45 -4.00
C LYS A 237 19.15 4.57 -4.54
N THR A 238 18.44 3.45 -4.58
CA THR A 238 17.05 3.42 -5.04
C THR A 238 16.17 4.29 -4.16
N LYS A 239 16.28 4.12 -2.85
CA LYS A 239 15.50 4.91 -1.89
C LYS A 239 15.97 6.36 -1.84
N ALA A 240 17.28 6.59 -2.00
CA ALA A 240 17.83 7.94 -1.95
C ALA A 240 17.36 8.80 -3.12
N LYS A 241 17.09 8.18 -4.27
CA LYS A 241 16.92 8.95 -5.49
C LYS A 241 15.75 9.93 -5.40
N ASP A 242 14.61 9.48 -4.88
CA ASP A 242 13.41 10.31 -4.76
C ASP A 242 13.03 10.52 -3.29
N LEU A 243 14.04 10.54 -2.42
CA LEU A 243 13.79 10.72 -0.99
C LEU A 243 13.05 12.02 -0.73
N PHE A 244 11.98 11.94 0.07
CA PHE A 244 11.35 13.15 0.62
C PHE A 244 10.62 12.70 1.86
N ILE A 245 11.15 13.07 3.03
CA ILE A 245 10.58 12.64 4.31
C ILE A 245 10.36 13.86 5.21
N GLY A 246 9.39 13.72 6.10
CA GLY A 246 9.14 14.73 7.10
C GLY A 246 7.98 14.30 7.96
N ASP A 247 7.33 15.27 8.58
CA ASP A 247 6.09 15.02 9.30
C ASP A 247 4.94 15.27 8.32
N VAL A 248 4.50 14.20 7.67
CA VAL A 248 3.58 14.27 6.54
C VAL A 248 2.15 14.13 7.03
N ILE A 249 1.27 15.03 6.60
CA ILE A 249 -0.15 14.97 6.93
C ILE A 249 -0.95 14.70 5.67
N HIS A 250 -1.86 13.73 5.75
CA HIS A 250 -2.78 13.35 4.67
C HIS A 250 -4.19 13.85 4.95
N ASN A 251 -4.90 14.18 3.87
CA ASN A 251 -6.32 14.51 3.93
C ASN A 251 -6.59 15.69 4.84
N ALA A 252 -5.65 16.62 4.92
CA ALA A 252 -5.91 17.89 5.59
C ALA A 252 -6.62 18.83 4.63
N GLY A 253 -7.30 19.81 5.21
CA GLY A 253 -7.96 20.82 4.42
C GLY A 253 -7.66 22.21 4.95
N PRO A 254 -8.07 23.23 4.20
CA PRO A 254 -7.85 24.60 4.66
C PRO A 254 -8.62 24.87 5.95
N HIS A 255 -8.02 25.65 6.83
CA HIS A 255 -8.74 26.14 8.00
C HIS A 255 -9.71 27.23 7.58
N ARG A 256 -10.97 27.11 7.99
CA ARG A 256 -11.95 28.12 7.63
C ARG A 256 -12.21 29.13 8.75
N ASP A 257 -11.66 28.92 9.94
CA ASP A 257 -11.81 29.87 11.04
C ASP A 257 -11.00 31.12 10.76
N LYS A 258 -11.69 32.26 10.61
CA LYS A 258 -11.05 33.51 10.21
C LYS A 258 -10.03 34.01 11.22
N LYS A 259 -10.03 33.48 12.45
CA LYS A 259 -9.08 33.96 13.44
C LYS A 259 -7.74 33.26 13.34
N LEU A 260 -7.67 32.13 12.65
CA LEU A 260 -6.49 31.26 12.70
C LEU A 260 -5.40 31.72 11.74
N LYS A 261 -4.15 31.39 12.12
CA LYS A 261 -3.00 31.78 11.32
C LYS A 261 -3.08 31.23 9.90
N TYR A 262 -3.54 29.99 9.74
CA TYR A 262 -3.58 29.32 8.45
C TYR A 262 -4.98 29.32 7.83
N TYR A 263 -5.83 30.26 8.25
CA TYR A 263 -7.13 30.51 7.63
C TYR A 263 -7.01 30.74 6.13
N ILE A 264 -7.80 30.01 5.35
CA ILE A 264 -7.93 30.23 3.92
C ILE A 264 -9.42 30.30 3.58
N PRO A 265 -9.91 31.37 2.98
CA PRO A 265 -11.35 31.48 2.68
C PRO A 265 -11.78 30.51 1.59
N GLU A 266 -13.06 30.12 1.66
CA GLU A 266 -13.66 29.28 0.64
C GLU A 266 -13.57 29.92 -0.76
N VAL A 267 -13.60 31.25 -0.85
CA VAL A 267 -13.47 31.92 -2.14
C VAL A 267 -12.07 31.82 -2.72
N VAL A 268 -11.09 31.39 -1.93
CA VAL A 268 -9.71 31.30 -2.40
C VAL A 268 -9.33 29.87 -2.77
N TYR A 269 -9.72 28.88 -1.96
CA TYR A 269 -9.36 27.49 -2.22
C TYR A 269 -10.45 26.57 -1.70
N SER A 270 -10.81 25.58 -2.52
CA SER A 270 -11.81 24.58 -2.18
C SER A 270 -11.20 23.19 -2.23
N GLY A 271 -11.75 22.27 -1.43
CA GLY A 271 -11.28 20.91 -1.41
C GLY A 271 -10.22 20.64 -0.37
N LEU A 272 -9.57 19.49 -0.53
CA LEU A 272 -8.55 19.04 0.40
C LEU A 272 -7.17 19.42 -0.11
N TYR A 273 -6.19 19.34 0.79
CA TYR A 273 -4.78 19.52 0.47
C TYR A 273 -4.16 18.20 0.05
N PRO A 274 -3.18 18.20 -0.85
CA PRO A 274 -2.40 16.98 -1.10
C PRO A 274 -1.64 16.60 0.15
N PRO A 275 -1.11 15.38 0.23
CA PRO A 275 -0.22 15.06 1.35
C PRO A 275 0.98 15.98 1.34
N TYR A 276 1.38 16.45 2.52
CA TYR A 276 2.50 17.39 2.56
C TYR A 276 3.21 17.28 3.90
N ALA A 277 4.53 17.51 3.87
CA ALA A 277 5.34 17.58 5.07
C ALA A 277 5.34 19.02 5.57
N GLY A 278 5.00 19.20 6.84
CA GLY A 278 5.00 20.54 7.40
C GLY A 278 5.63 20.55 8.78
N GLY A 279 5.53 21.68 9.49
CA GLY A 279 5.88 21.70 10.88
C GLY A 279 7.31 22.06 11.22
N GLY A 280 8.15 22.37 10.23
CA GLY A 280 9.45 22.95 10.57
C GLY A 280 10.67 22.46 9.81
N GLY A 281 10.53 21.39 9.03
CA GLY A 281 11.64 20.94 8.23
C GLY A 281 11.34 19.64 7.51
N PHE A 282 12.02 19.42 6.39
CA PHE A 282 11.91 18.14 5.69
C PHE A 282 13.19 17.90 4.92
N LEU A 283 13.39 16.66 4.49
CA LEU A 283 14.67 16.19 3.96
C LEU A 283 14.43 15.49 2.63
N TYR A 284 15.20 15.85 1.61
CA TYR A 284 14.96 15.29 0.29
C TYR A 284 16.25 15.28 -0.55
N SER A 285 16.22 14.57 -1.67
CA SER A 285 17.43 14.43 -2.46
C SER A 285 17.62 15.61 -3.38
N GLY A 286 18.90 15.89 -3.71
CA GLY A 286 19.19 16.91 -4.72
C GLY A 286 18.56 16.58 -6.06
N HIS A 287 18.51 15.29 -6.43
CA HIS A 287 17.86 14.89 -7.67
C HIS A 287 16.40 15.33 -7.69
N LEU A 288 15.71 15.17 -6.56
CA LEU A 288 14.31 15.60 -6.48
C LEU A 288 14.20 17.12 -6.45
N ALA A 289 15.14 17.81 -5.79
CA ALA A 289 15.17 19.26 -5.82
C ALA A 289 15.14 19.79 -7.25
N LEU A 290 15.92 19.18 -8.15
CA LEU A 290 15.93 19.65 -9.53
C LEU A 290 14.60 19.38 -10.22
N ARG A 291 14.02 18.21 -9.96
CA ARG A 291 12.71 17.89 -10.55
C ARG A 291 11.64 18.81 -10.02
N LEU A 292 11.67 19.09 -8.71
CA LEU A 292 10.72 20.03 -8.12
C LEU A 292 10.86 21.41 -8.73
N TYR A 293 12.09 21.90 -8.88
CA TYR A 293 12.24 23.21 -9.51
C TYR A 293 11.60 23.24 -10.89
N HIS A 294 11.87 22.22 -11.71
N HIS A 294 11.83 22.22 -11.71
CA HIS A 294 11.33 22.19 -13.06
CA HIS A 294 11.32 22.29 -13.08
C HIS A 294 9.80 22.28 -13.04
C HIS A 294 9.80 22.12 -13.15
N ILE A 295 9.16 21.58 -12.11
CA ILE A 295 7.70 21.51 -12.07
C ILE A 295 7.05 22.76 -11.49
N THR A 296 7.82 23.66 -10.85
CA THR A 296 7.18 24.79 -10.15
C THR A 296 6.40 25.69 -11.11
N ASP A 297 6.89 25.87 -12.35
CA ASP A 297 6.17 26.67 -13.34
C ASP A 297 4.74 26.21 -13.56
N GLN A 298 4.43 24.94 -13.30
CA GLN A 298 3.11 24.40 -13.57
C GLN A 298 2.16 24.47 -12.39
N VAL A 299 2.58 25.06 -11.28
CA VAL A 299 1.77 25.17 -10.06
C VAL A 299 1.75 26.62 -9.63
N HIS A 300 0.56 27.22 -9.58
CA HIS A 300 0.44 28.56 -9.03
C HIS A 300 0.91 28.58 -7.58
N LEU A 301 1.57 29.66 -7.19
CA LEU A 301 1.94 29.86 -5.79
C LEU A 301 0.72 29.70 -4.89
N TYR A 302 0.97 29.28 -3.67
CA TYR A 302 -0.09 29.10 -2.69
C TYR A 302 0.30 29.78 -1.39
N PRO A 303 -0.67 30.33 -0.63
CA PRO A 303 -0.29 31.12 0.56
C PRO A 303 0.45 30.33 1.63
N ILE A 304 0.37 29.01 1.63
CA ILE A 304 1.04 28.17 2.62
C ILE A 304 2.15 27.39 1.92
N ASP A 305 3.41 27.66 2.27
CA ASP A 305 4.52 27.14 1.48
C ASP A 305 4.58 25.61 1.54
N ASP A 306 4.32 25.02 2.70
CA ASP A 306 4.46 23.57 2.77
C ASP A 306 3.37 22.84 1.99
N VAL A 307 2.18 23.43 1.87
CA VAL A 307 1.18 22.89 0.96
C VAL A 307 1.64 23.02 -0.48
N TYR A 308 2.25 24.16 -0.85
CA TYR A 308 2.73 24.32 -2.22
C TYR A 308 3.71 23.22 -2.59
N THR A 309 4.64 22.91 -1.69
CA THR A 309 5.60 21.85 -1.98
C THR A 309 4.91 20.50 -2.12
N GLY A 310 3.88 20.24 -1.32
CA GLY A 310 3.08 19.04 -1.49
C GLY A 310 2.38 18.99 -2.84
N MET A 311 1.89 20.14 -3.31
CA MET A 311 1.28 20.18 -4.64
C MET A 311 2.27 19.85 -5.74
N CYS A 312 3.51 20.34 -5.61
CA CYS A 312 4.52 20.06 -6.63
C CYS A 312 4.91 18.59 -6.61
N LEU A 313 5.09 18.02 -5.42
CA LEU A 313 5.38 16.59 -5.33
C LEU A 313 4.28 15.76 -5.95
N GLN A 314 3.02 16.11 -5.67
CA GLN A 314 1.90 15.41 -6.26
C GLN A 314 1.96 15.47 -7.80
N LYS A 315 2.30 16.64 -8.36
CA LYS A 315 2.38 16.76 -9.80
C LYS A 315 3.54 15.96 -10.39
N LEU A 316 4.56 15.66 -9.60
CA LEU A 316 5.60 14.73 -10.04
C LEU A 316 5.18 13.27 -9.92
N GLY A 317 4.02 12.99 -9.34
CA GLY A 317 3.63 11.61 -9.11
C GLY A 317 4.23 11.00 -7.87
N LEU A 318 4.69 11.80 -6.93
CA LEU A 318 5.35 11.30 -5.73
C LEU A 318 4.48 11.60 -4.51
N VAL A 319 4.69 10.82 -3.46
CA VAL A 319 4.00 11.01 -2.19
C VAL A 319 5.07 11.21 -1.11
N PRO A 320 5.06 12.33 -0.38
CA PRO A 320 6.03 12.49 0.72
C PRO A 320 5.83 11.41 1.77
N GLU A 321 6.94 10.98 2.38
CA GLU A 321 6.94 9.87 3.33
C GLU A 321 7.06 10.39 4.76
N LYS A 322 6.12 9.96 5.61
CA LYS A 322 6.22 10.32 7.02
C LYS A 322 7.39 9.60 7.66
N HIS A 323 8.15 10.32 8.47
CA HIS A 323 9.24 9.72 9.23
C HIS A 323 9.09 10.10 10.69
N LYS A 324 9.20 9.12 11.59
CA LYS A 324 8.84 9.34 12.98
C LYS A 324 9.80 10.27 13.71
N GLY A 325 11.00 10.50 13.17
CA GLY A 325 11.98 11.35 13.81
C GLY A 325 11.72 12.85 13.72
N PHE A 326 10.68 13.29 13.00
CA PHE A 326 10.33 14.70 12.87
C PHE A 326 9.24 15.03 13.90
N ARG A 327 9.65 15.69 14.99
CA ARG A 327 8.76 15.99 16.13
C ARG A 327 8.31 17.44 16.08
N THR A 328 7.32 17.71 15.25
CA THR A 328 6.92 19.09 14.98
C THR A 328 6.03 19.69 16.07
N PHE A 329 5.62 18.90 17.06
CA PHE A 329 4.96 19.48 18.22
C PHE A 329 5.64 19.01 19.50
N ASP A 330 6.98 18.89 19.41
CA ASP A 330 7.83 18.69 20.59
C ASP A 330 7.71 17.28 21.13
N ILE A 331 8.39 17.03 22.24
CA ILE A 331 8.43 15.70 22.86
C ILE A 331 7.83 15.82 24.25
N GLU A 332 7.72 14.68 24.93
CA GLU A 332 7.07 14.63 26.24
C GLU A 332 7.80 15.51 27.24
N GLU A 333 7.03 16.23 28.07
CA GLU A 333 7.59 17.28 28.92
C GLU A 333 8.76 16.76 29.75
N LYS A 334 8.61 15.59 30.35
CA LYS A 334 9.69 15.06 31.20
C LYS A 334 10.88 14.60 30.38
N ASN A 335 10.68 14.28 29.10
CA ASN A 335 11.79 13.88 28.23
C ASN A 335 12.60 15.07 27.72
N LYS A 336 12.05 16.29 27.80
CA LYS A 336 12.78 17.46 27.30
C LYS A 336 14.11 17.66 28.01
N ASN A 337 14.23 17.17 29.24
CA ASN A 337 15.41 17.37 30.06
C ASN A 337 16.52 16.36 29.80
N ASN A 338 16.20 15.23 29.18
CA ASN A 338 17.14 14.14 29.00
C ASN A 338 17.73 14.19 27.59
N ILE A 339 19.06 14.28 27.51
CA ILE A 339 19.72 14.34 26.20
C ILE A 339 19.49 13.06 25.41
N CYS A 340 19.27 11.94 26.11
CA CYS A 340 19.04 10.68 25.38
C CYS A 340 17.76 10.73 24.55
N SER A 341 16.82 11.60 24.92
CA SER A 341 15.59 11.74 24.14
C SER A 341 15.84 12.26 22.74
N TYR A 342 16.99 12.89 22.49
CA TYR A 342 17.27 13.56 21.23
C TYR A 342 18.12 12.72 20.29
N VAL A 343 18.69 11.61 20.77
CA VAL A 343 19.69 10.88 19.98
C VAL A 343 19.06 10.25 18.74
N ASP A 344 17.84 9.75 18.83
CA ASP A 344 17.21 9.11 17.68
C ASP A 344 16.14 9.98 17.05
N LEU A 345 16.25 11.31 17.19
CA LEU A 345 15.34 12.25 16.57
C LEU A 345 16.03 12.93 15.39
N MET A 346 15.23 13.39 14.44
CA MET A 346 15.76 14.21 13.35
C MET A 346 15.56 15.70 13.60
N LEU A 347 14.38 16.09 14.08
CA LEU A 347 14.24 17.48 14.47
C LEU A 347 13.15 17.60 15.52
N VAL A 348 13.19 18.70 16.26
N VAL A 348 13.21 18.70 16.26
CA VAL A 348 12.16 18.99 17.25
CA VAL A 348 12.23 19.03 17.28
C VAL A 348 11.81 20.46 17.20
C VAL A 348 11.83 20.49 17.10
N HIS A 349 10.53 20.75 17.04
CA HIS A 349 10.00 22.12 17.05
C HIS A 349 9.33 22.35 18.41
N SER A 350 9.58 23.48 19.09
CA SER A 350 10.51 24.53 18.71
C SER A 350 11.52 24.73 19.84
N ARG A 351 12.66 25.33 19.53
CA ARG A 351 13.70 25.57 20.52
C ARG A 351 14.27 26.98 20.34
N LYS A 352 14.62 27.61 21.45
CA LYS A 352 15.24 28.93 21.47
C LYS A 352 16.73 28.81 21.18
N PRO A 353 17.38 29.90 20.75
CA PRO A 353 18.84 29.85 20.47
C PRO A 353 19.67 29.23 21.58
N GLN A 354 19.43 29.63 22.82
CA GLN A 354 20.20 29.06 23.93
C GLN A 354 19.93 27.57 24.09
N GLU A 355 18.70 27.13 23.82
CA GLU A 355 18.37 25.71 23.91
C GLU A 355 19.04 24.90 22.81
N MET A 356 19.14 25.46 21.61
CA MET A 356 19.84 24.74 20.52
C MET A 356 21.29 24.45 20.88
N ILE A 357 21.96 25.44 21.47
CA ILE A 357 23.38 25.31 21.77
C ILE A 357 23.59 24.35 22.94
N ASP A 358 22.71 24.43 23.94
CA ASP A 358 22.79 23.52 25.09
C ASP A 358 22.55 22.07 24.67
N ILE A 359 21.49 21.83 23.91
CA ILE A 359 21.22 20.48 23.41
C ILE A 359 22.38 19.97 22.57
N TRP A 360 22.83 20.77 21.59
CA TRP A 360 23.92 20.32 20.73
C TRP A 360 25.17 19.97 21.54
N SER A 361 25.49 20.77 22.55
CA SER A 361 26.70 20.56 23.33
C SER A 361 26.61 19.25 24.13
N GLN A 362 25.47 19.01 24.77
CA GLN A 362 25.28 17.76 25.49
C GLN A 362 25.27 16.58 24.53
N LEU A 363 24.74 16.79 23.33
CA LEU A 363 24.64 15.70 22.36
C LEU A 363 26.01 15.17 21.97
N GLN A 364 27.03 16.03 22.03
CA GLN A 364 28.37 15.64 21.59
C GLN A 364 28.96 14.52 22.44
N SER A 365 28.47 14.32 23.66
CA SER A 365 28.94 13.24 24.52
C SER A 365 27.81 12.28 24.89
N ALA A 366 26.69 12.32 24.15
CA ALA A 366 25.56 11.47 24.47
C ALA A 366 25.88 9.98 24.28
N HIS A 367 26.84 9.65 23.41
CA HIS A 367 27.23 8.26 23.22
C HIS A 367 27.87 7.67 24.47
N LEU A 368 28.32 8.50 25.41
CA LEU A 368 28.89 8.03 26.65
C LEU A 368 27.86 7.82 27.76
N LYS A 369 26.63 8.32 27.58
CA LYS A 369 25.62 8.27 28.63
C LYS A 369 24.36 7.51 28.23
N CYS A 370 24.15 7.25 26.94
CA CYS A 370 22.88 6.67 26.49
C CYS A 370 23.09 5.31 25.85
N PRO B 28 -35.55 -26.59 -16.51
CA PRO B 28 -35.96 -26.69 -15.11
C PRO B 28 -36.45 -25.36 -14.55
N GLU B 29 -36.99 -25.39 -13.34
CA GLU B 29 -37.43 -24.16 -12.68
C GLU B 29 -36.28 -23.44 -11.98
N ALA B 30 -35.27 -24.19 -11.51
CA ALA B 30 -34.16 -23.59 -10.78
C ALA B 30 -33.17 -22.96 -11.75
N TYR B 31 -32.72 -21.75 -11.42
CA TYR B 31 -31.93 -20.96 -12.35
C TYR B 31 -30.63 -21.67 -12.74
N TRP B 32 -29.88 -22.16 -11.76
CA TRP B 32 -28.58 -22.76 -12.06
C TRP B 32 -28.75 -23.99 -12.97
N ASN B 33 -29.69 -24.87 -12.61
CA ASN B 33 -29.93 -26.07 -13.40
C ASN B 33 -30.32 -25.72 -14.82
N ARG B 34 -31.12 -24.66 -14.98
CA ARG B 34 -31.57 -24.25 -16.31
C ARG B 34 -30.40 -23.73 -17.14
N GLU B 35 -29.54 -22.90 -16.55
CA GLU B 35 -28.38 -22.40 -17.27
C GLU B 35 -27.36 -23.50 -17.53
N GLN B 36 -27.18 -24.41 -16.59
CA GLN B 36 -26.25 -25.52 -16.82
C GLN B 36 -26.73 -26.41 -17.95
N GLU B 37 -28.05 -26.61 -18.06
CA GLU B 37 -28.53 -27.42 -19.17
C GLU B 37 -28.34 -26.71 -20.51
N LYS B 38 -28.46 -25.38 -20.54
CA LYS B 38 -28.10 -24.64 -21.75
C LYS B 38 -26.63 -24.85 -22.09
N LEU B 39 -25.77 -24.85 -21.06
CA LEU B 39 -24.35 -25.11 -21.31
C LEU B 39 -24.14 -26.51 -21.85
N ASN B 40 -24.88 -27.50 -21.33
CA ASN B 40 -24.74 -28.87 -21.79
C ASN B 40 -24.99 -28.97 -23.30
N ARG B 41 -25.96 -28.22 -23.82
CA ARG B 41 -26.24 -28.31 -25.25
C ARG B 41 -25.14 -27.67 -26.09
N GLN B 42 -24.43 -26.70 -25.54
CA GLN B 42 -23.31 -26.13 -26.27
C GLN B 42 -22.15 -27.12 -26.38
N TYR B 43 -21.98 -28.00 -25.39
CA TYR B 43 -20.83 -28.88 -25.41
C TYR B 43 -21.15 -30.31 -25.80
N ASN B 44 -22.43 -30.65 -26.02
CA ASN B 44 -22.81 -32.04 -26.31
C ASN B 44 -23.69 -32.10 -27.56
N PRO B 45 -23.13 -32.49 -28.72
CA PRO B 45 -23.96 -32.58 -29.93
C PRO B 45 -25.16 -33.49 -29.79
N ILE B 46 -25.11 -34.49 -28.90
CA ILE B 46 -26.22 -35.42 -28.73
C ILE B 46 -27.48 -34.74 -28.23
N LEU B 47 -27.36 -33.52 -27.71
CA LEU B 47 -28.51 -32.73 -27.29
C LEU B 47 -28.96 -31.74 -28.34
N SER B 48 -28.40 -31.81 -29.56
CA SER B 48 -28.65 -30.77 -30.57
C SER B 48 -30.13 -30.64 -30.92
N MET B 49 -30.88 -31.74 -30.87
CA MET B 49 -32.28 -31.71 -31.25
C MET B 49 -33.16 -31.00 -30.22
N LEU B 50 -32.56 -30.50 -29.15
CA LEU B 50 -33.34 -29.96 -28.06
C LEU B 50 -32.99 -28.50 -27.83
N ASN B 62 -26.49 -15.85 -26.04
CA ASN B 62 -25.51 -15.67 -27.11
C ASN B 62 -24.19 -15.11 -26.55
N ILE B 63 -24.28 -14.51 -25.36
CA ILE B 63 -23.11 -13.95 -24.70
C ILE B 63 -22.27 -15.05 -24.08
N SER B 64 -20.97 -14.79 -23.91
CA SER B 64 -20.10 -15.80 -23.33
C SER B 64 -20.53 -16.15 -21.91
N HIS B 65 -20.20 -17.36 -21.49
CA HIS B 65 -20.36 -17.74 -20.09
C HIS B 65 -19.03 -17.69 -19.34
N LEU B 66 -17.97 -17.20 -19.98
CA LEU B 66 -16.63 -17.27 -19.41
C LEU B 66 -15.95 -15.91 -19.25
N ASN B 67 -16.21 -14.95 -20.15
CA ASN B 67 -15.56 -13.65 -20.04
C ASN B 67 -16.54 -12.50 -20.24
N TYR B 68 -17.81 -12.70 -19.90
CA TYR B 68 -18.82 -11.63 -19.87
C TYR B 68 -18.87 -11.05 -18.47
N CYS B 69 -18.35 -9.84 -18.31
CA CYS B 69 -18.14 -9.30 -16.97
C CYS B 69 -18.98 -8.07 -16.66
N GLU B 70 -19.88 -7.68 -17.57
CA GLU B 70 -20.96 -6.77 -17.21
C GLU B 70 -22.03 -7.54 -16.45
N PRO B 71 -22.85 -6.84 -15.66
CA PRO B 71 -23.93 -7.54 -14.95
C PRO B 71 -24.92 -8.20 -15.92
N ASP B 72 -25.33 -9.41 -15.58
CA ASP B 72 -26.27 -10.17 -16.40
C ASP B 72 -27.67 -9.77 -15.97
N LEU B 73 -28.14 -8.65 -16.51
CA LEU B 73 -29.36 -8.06 -15.98
C LEU B 73 -30.61 -8.84 -16.35
N ARG B 74 -30.51 -9.86 -17.20
CA ARG B 74 -31.64 -10.75 -17.41
C ARG B 74 -32.06 -11.45 -16.11
N VAL B 75 -31.11 -11.69 -15.20
CA VAL B 75 -31.43 -12.50 -14.02
C VAL B 75 -32.53 -11.85 -13.17
N THR B 76 -32.58 -10.52 -13.15
CA THR B 76 -33.55 -9.83 -12.29
C THR B 76 -34.99 -10.05 -12.75
N SER B 77 -35.18 -10.51 -13.98
CA SER B 77 -36.51 -10.79 -14.50
C SER B 77 -36.84 -12.26 -14.58
N VAL B 78 -35.85 -13.14 -14.66
CA VAL B 78 -36.12 -14.57 -14.78
C VAL B 78 -36.05 -15.31 -13.44
N VAL B 79 -35.47 -14.70 -12.42
CA VAL B 79 -35.35 -15.32 -11.10
C VAL B 79 -36.44 -14.73 -10.22
N THR B 80 -37.51 -15.49 -10.00
CA THR B 80 -38.63 -15.00 -9.22
C THR B 80 -38.20 -14.71 -7.79
N GLY B 81 -38.49 -13.49 -7.33
CA GLY B 81 -38.07 -13.07 -6.01
C GLY B 81 -36.64 -12.58 -5.93
N PHE B 82 -36.05 -12.19 -7.07
CA PHE B 82 -34.64 -11.80 -7.11
C PHE B 82 -34.34 -10.69 -6.10
N ASN B 83 -35.19 -9.65 -6.05
CA ASN B 83 -34.86 -8.49 -5.25
C ASN B 83 -34.87 -8.78 -3.75
N ASN B 84 -35.47 -9.87 -3.31
CA ASN B 84 -35.49 -10.22 -1.90
C ASN B 84 -34.44 -11.26 -1.53
N LEU B 85 -33.60 -11.66 -2.46
CA LEU B 85 -32.52 -12.58 -2.13
C LEU B 85 -31.40 -11.84 -1.42
N PRO B 86 -30.67 -12.52 -0.55
CA PRO B 86 -29.51 -11.88 0.09
C PRO B 86 -28.53 -11.38 -0.96
N ASP B 87 -27.74 -10.38 -0.56
CA ASP B 87 -26.82 -9.74 -1.49
C ASP B 87 -25.85 -10.72 -2.14
N ARG B 88 -25.41 -11.74 -1.40
CA ARG B 88 -24.45 -12.67 -1.98
C ARG B 88 -25.03 -13.42 -3.17
N PHE B 89 -26.33 -13.76 -3.09
CA PHE B 89 -26.98 -14.41 -4.23
C PHE B 89 -27.12 -13.45 -5.41
N LYS B 90 -27.41 -12.17 -5.14
CA LYS B 90 -27.55 -11.21 -6.22
C LYS B 90 -26.22 -11.02 -6.94
N ASP B 91 -25.13 -10.86 -6.19
CA ASP B 91 -23.83 -10.71 -6.81
C ASP B 91 -23.41 -11.98 -7.54
N PHE B 92 -23.74 -13.15 -6.97
CA PHE B 92 -23.36 -14.39 -7.64
C PHE B 92 -24.07 -14.54 -8.98
N LEU B 93 -25.38 -14.27 -8.99
CA LEU B 93 -26.16 -14.43 -10.23
C LEU B 93 -25.77 -13.38 -11.26
N LEU B 94 -25.51 -12.15 -10.82
CA LEU B 94 -25.21 -11.07 -11.77
C LEU B 94 -23.89 -11.28 -12.50
N TYR B 95 -22.88 -11.87 -11.84
CA TYR B 95 -21.54 -11.94 -12.43
C TYR B 95 -21.09 -13.37 -12.64
N LEU B 96 -22.03 -14.30 -12.68
CA LEU B 96 -21.77 -15.72 -12.91
C LEU B 96 -20.90 -15.97 -14.14
N ARG B 97 -21.01 -15.13 -15.16
CA ARG B 97 -20.43 -15.40 -16.47
C ARG B 97 -19.02 -14.87 -16.62
N CYS B 98 -18.41 -14.39 -15.55
CA CYS B 98 -17.08 -13.81 -15.59
C CYS B 98 -16.16 -14.67 -14.74
N ARG B 99 -15.11 -15.20 -15.36
CA ARG B 99 -14.07 -15.87 -14.58
C ARG B 99 -12.66 -15.56 -15.09
N ASN B 100 -12.48 -14.58 -15.97
CA ASN B 100 -11.14 -14.28 -16.50
C ASN B 100 -10.46 -13.20 -15.65
N TYR B 101 -10.15 -13.58 -14.41
CA TYR B 101 -9.44 -12.69 -13.51
C TYR B 101 -7.93 -12.95 -13.55
N SER B 102 -7.16 -11.91 -13.25
CA SER B 102 -5.71 -11.92 -13.40
C SER B 102 -5.01 -12.09 -12.06
N LEU B 103 -3.77 -12.56 -12.11
CA LEU B 103 -2.92 -12.64 -10.94
C LEU B 103 -2.30 -11.29 -10.64
N LEU B 104 -2.49 -10.80 -9.40
CA LEU B 104 -1.81 -9.60 -8.98
C LEU B 104 -0.52 -9.90 -8.23
N ILE B 105 -0.46 -11.04 -7.56
CA ILE B 105 0.75 -11.54 -6.92
C ILE B 105 0.91 -12.97 -7.37
N ASP B 106 2.06 -13.29 -7.95
CA ASP B 106 2.32 -14.61 -8.51
C ASP B 106 3.66 -15.07 -7.98
N GLN B 107 3.86 -16.39 -8.02
CA GLN B 107 5.16 -17.01 -7.71
C GLN B 107 5.47 -17.91 -8.90
N PRO B 108 5.91 -17.34 -10.01
CA PRO B 108 5.98 -18.09 -11.27
C PRO B 108 6.99 -19.22 -11.26
N ASP B 109 7.95 -19.22 -10.34
CA ASP B 109 8.93 -20.30 -10.28
C ASP B 109 8.74 -21.18 -9.05
N LYS B 110 7.54 -21.16 -8.47
CA LYS B 110 7.24 -21.98 -7.30
C LYS B 110 7.55 -23.46 -7.55
N CYS B 111 7.30 -23.95 -8.75
CA CYS B 111 7.51 -25.37 -9.06
C CYS B 111 8.71 -25.58 -9.98
N ALA B 112 9.73 -24.71 -9.88
CA ALA B 112 10.96 -24.90 -10.64
C ALA B 112 11.54 -26.29 -10.45
N LYS B 113 11.55 -26.77 -9.21
CA LYS B 113 11.89 -28.14 -8.91
C LYS B 113 10.58 -28.92 -8.82
N LYS B 114 10.44 -29.95 -9.65
CA LYS B 114 9.21 -30.72 -9.76
C LYS B 114 8.72 -31.16 -8.38
N PRO B 115 7.53 -30.73 -7.95
CA PRO B 115 7.03 -31.16 -6.64
C PRO B 115 6.48 -32.57 -6.66
N PHE B 116 6.68 -33.26 -5.54
CA PHE B 116 5.91 -34.45 -5.24
C PHE B 116 4.53 -34.07 -4.69
N LEU B 117 4.49 -33.06 -3.83
CA LEU B 117 3.22 -32.62 -3.23
C LEU B 117 3.16 -31.11 -3.22
N LEU B 118 2.13 -30.57 -3.86
CA LEU B 118 1.80 -29.15 -3.80
C LEU B 118 0.75 -28.93 -2.72
N LEU B 119 1.07 -28.12 -1.71
CA LEU B 119 0.11 -27.72 -0.68
C LEU B 119 -0.51 -26.39 -1.08
N ALA B 120 -1.83 -26.37 -1.32
CA ALA B 120 -2.54 -25.18 -1.78
C ALA B 120 -3.61 -24.85 -0.75
N ILE B 121 -3.42 -23.76 -0.01
N ILE B 121 -3.39 -23.77 0.01
CA ILE B 121 -4.22 -23.49 1.17
CA ILE B 121 -4.20 -23.45 1.18
C ILE B 121 -5.03 -22.22 0.95
C ILE B 121 -5.03 -22.22 0.87
N LYS B 122 -6.36 -22.35 0.99
CA LYS B 122 -7.23 -21.19 0.82
C LYS B 122 -7.11 -20.28 2.04
N SER B 123 -6.94 -18.98 1.81
CA SER B 123 -6.81 -18.05 2.92
C SER B 123 -7.40 -16.70 2.53
N LEU B 124 -7.54 -15.82 3.53
CA LEU B 124 -8.05 -14.46 3.38
C LEU B 124 -6.98 -13.51 3.87
N THR B 125 -6.88 -12.33 3.24
CA THR B 125 -5.87 -11.33 3.60
C THR B 125 -5.58 -11.23 5.10
N PRO B 126 -6.57 -11.02 5.99
CA PRO B 126 -6.23 -10.75 7.39
C PRO B 126 -5.75 -11.95 8.19
N HIS B 127 -5.75 -13.17 7.63
CA HIS B 127 -5.36 -14.37 8.37
C HIS B 127 -3.85 -14.56 8.46
N PHE B 128 -3.12 -13.53 8.93
CA PHE B 128 -1.67 -13.62 8.99
C PHE B 128 -1.21 -14.73 9.94
N ALA B 129 -1.85 -14.85 11.10
CA ALA B 129 -1.43 -15.83 12.10
C ALA B 129 -1.65 -17.25 11.60
N ARG B 130 -2.78 -17.49 10.94
CA ARG B 130 -3.04 -18.82 10.38
C ARG B 130 -1.98 -19.21 9.38
N ARG B 131 -1.65 -18.30 8.44
CA ARG B 131 -0.66 -18.63 7.43
C ARG B 131 0.68 -18.90 8.08
N GLN B 132 1.09 -18.06 9.04
CA GLN B 132 2.41 -18.24 9.66
C GLN B 132 2.48 -19.54 10.44
N ALA B 133 1.41 -19.89 11.15
CA ALA B 133 1.41 -21.16 11.88
C ALA B 133 1.53 -22.34 10.92
N ILE B 134 0.89 -22.26 9.76
CA ILE B 134 0.98 -23.35 8.79
C ILE B 134 2.39 -23.45 8.23
N ARG B 135 3.02 -22.29 7.94
CA ARG B 135 4.41 -22.28 7.47
C ARG B 135 5.35 -22.95 8.47
N GLU B 136 5.14 -22.69 9.76
CA GLU B 136 6.02 -23.23 10.80
C GLU B 136 5.74 -24.67 11.14
N SER B 137 4.56 -25.19 10.81
CA SER B 137 4.20 -26.52 11.26
C SER B 137 4.02 -27.45 10.06
N TRP B 138 2.78 -27.80 9.75
CA TRP B 138 2.57 -28.87 8.78
C TRP B 138 2.77 -28.42 7.33
N GLY B 139 2.81 -27.12 7.06
CA GLY B 139 3.00 -26.67 5.69
C GLY B 139 4.43 -26.27 5.35
N GLN B 140 5.41 -26.68 6.15
CA GLN B 140 6.81 -26.44 5.83
C GLN B 140 7.17 -27.01 4.47
N GLU B 141 7.92 -26.25 3.68
CA GLU B 141 8.45 -26.79 2.44
C GLU B 141 9.66 -27.68 2.76
N SER B 142 9.88 -28.69 1.94
CA SER B 142 10.90 -29.66 2.26
C SER B 142 11.26 -30.45 1.01
N ASN B 143 12.16 -31.41 1.19
CA ASN B 143 12.69 -32.25 0.13
C ASN B 143 12.91 -33.67 0.63
N GLY B 145 13.35 -37.52 1.17
CA GLY B 145 14.01 -38.33 0.16
C GLY B 145 13.80 -37.82 -1.26
N ASN B 146 14.33 -36.62 -1.52
CA ASN B 146 14.21 -35.96 -2.82
C ASN B 146 12.75 -35.84 -3.25
N GLN B 147 11.84 -35.75 -2.28
CA GLN B 147 10.41 -35.58 -2.53
C GLN B 147 10.02 -34.18 -2.09
N THR B 148 9.89 -33.31 -3.08
CA THR B 148 9.72 -31.89 -2.82
C THR B 148 8.28 -31.58 -2.44
N VAL B 149 8.12 -30.87 -1.33
CA VAL B 149 6.84 -30.29 -0.92
C VAL B 149 6.97 -28.78 -1.09
N VAL B 150 6.02 -28.19 -1.83
CA VAL B 150 5.97 -26.73 -2.00
C VAL B 150 4.61 -26.23 -1.54
N ARG B 151 4.56 -24.95 -1.15
CA ARG B 151 3.38 -24.37 -0.49
C ARG B 151 2.97 -23.07 -1.15
N VAL B 152 1.67 -22.92 -1.41
CA VAL B 152 1.08 -21.64 -1.82
C VAL B 152 -0.19 -21.39 -1.02
N PHE B 153 -0.43 -20.13 -0.70
CA PHE B 153 -1.70 -19.67 -0.14
C PHE B 153 -2.50 -19.00 -1.24
N LEU B 154 -3.82 -19.23 -1.25
CA LEU B 154 -4.69 -18.79 -2.35
C LEU B 154 -5.59 -17.66 -1.86
N LEU B 155 -5.42 -16.47 -2.42
CA LEU B 155 -6.16 -15.30 -1.98
C LEU B 155 -6.82 -14.58 -3.15
N GLY B 156 -7.95 -13.95 -2.88
CA GLY B 156 -8.49 -12.90 -3.70
C GLY B 156 -8.33 -11.55 -3.04
N GLN B 157 -9.11 -10.58 -3.52
CA GLN B 157 -9.01 -9.23 -3.00
C GLN B 157 -10.00 -9.00 -1.85
N THR B 158 -9.57 -8.18 -0.88
CA THR B 158 -10.43 -7.69 0.19
C THR B 158 -10.44 -6.17 0.07
N PRO B 159 -11.23 -5.62 -0.83
CA PRO B 159 -11.00 -4.26 -1.30
C PRO B 159 -11.61 -3.22 -0.37
N PRO B 160 -11.07 -2.00 -0.38
CA PRO B 160 -11.61 -0.93 0.47
C PRO B 160 -13.07 -0.60 0.19
N GLU B 161 -13.54 -0.72 -1.07
CA GLU B 161 -14.92 -0.41 -1.39
C GLU B 161 -15.91 -1.28 -0.64
N ASP B 162 -15.48 -2.46 -0.21
CA ASP B 162 -16.28 -3.34 0.63
C ASP B 162 -16.00 -3.13 2.11
N ASN B 163 -15.34 -2.02 2.47
CA ASN B 163 -15.08 -1.62 3.86
C ASN B 163 -14.08 -2.52 4.57
N HIS B 164 -13.19 -3.18 3.83
CA HIS B 164 -12.13 -3.92 4.51
C HIS B 164 -11.02 -2.97 4.96
N PRO B 165 -10.41 -3.20 6.13
CA PRO B 165 -9.21 -2.45 6.49
C PRO B 165 -8.14 -2.58 5.43
N ASP B 166 -7.36 -1.52 5.25
CA ASP B 166 -6.28 -1.55 4.25
C ASP B 166 -5.09 -2.32 4.84
N LEU B 167 -4.93 -3.57 4.40
CA LEU B 167 -3.80 -4.38 4.83
C LEU B 167 -2.82 -4.66 3.68
N SER B 168 -2.82 -3.80 2.66
CA SER B 168 -2.05 -4.10 1.45
C SER B 168 -0.55 -4.08 1.71
N ASP B 169 -0.06 -3.10 2.48
CA ASP B 169 1.37 -3.05 2.78
C ASP B 169 1.81 -4.27 3.58
N MET B 170 1.02 -4.67 4.57
CA MET B 170 1.35 -5.87 5.33
C MET B 170 1.39 -7.10 4.45
N LEU B 171 0.45 -7.21 3.51
CA LEU B 171 0.42 -8.38 2.63
C LEU B 171 1.61 -8.38 1.67
N LYS B 172 2.02 -7.21 1.18
CA LYS B 172 3.21 -7.14 0.34
C LYS B 172 4.46 -7.53 1.14
N PHE B 173 4.58 -7.04 2.37
CA PHE B 173 5.66 -7.43 3.26
C PHE B 173 5.71 -8.94 3.44
N GLU B 174 4.56 -9.55 3.73
CA GLU B 174 4.49 -11.01 3.89
C GLU B 174 4.88 -11.73 2.60
N SER B 175 4.40 -11.24 1.46
CA SER B 175 4.70 -11.89 0.19
C SER B 175 6.19 -11.86 -0.10
N GLU B 176 6.84 -10.71 0.11
CA GLU B 176 8.25 -10.60 -0.22
C GLU B 176 9.10 -11.49 0.68
N LYS B 177 8.73 -11.58 1.95
CA LYS B 177 9.50 -12.39 2.89
C LYS B 177 9.33 -13.88 2.61
N HIS B 178 8.09 -14.33 2.40
CA HIS B 178 7.79 -15.74 2.38
C HIS B 178 7.54 -16.33 1.00
N GLN B 179 7.26 -15.50 -0.01
CA GLN B 179 7.22 -15.97 -1.39
C GLN B 179 6.25 -17.13 -1.59
N ASP B 180 5.08 -17.04 -0.94
CA ASP B 180 4.13 -18.16 -1.02
C ASP B 180 2.69 -17.67 -1.14
N ILE B 181 2.47 -16.44 -1.56
CA ILE B 181 1.13 -15.87 -1.73
C ILE B 181 0.79 -15.83 -3.20
N LEU B 182 -0.33 -16.42 -3.58
CA LEU B 182 -0.93 -16.20 -4.89
C LEU B 182 -2.22 -15.42 -4.68
N MET B 183 -2.36 -14.27 -5.36
N MET B 183 -2.35 -14.27 -5.34
CA MET B 183 -3.51 -13.42 -5.16
CA MET B 183 -3.51 -13.40 -5.18
C MET B 183 -4.06 -12.93 -6.50
C MET B 183 -4.05 -12.98 -6.54
N TRP B 184 -5.36 -13.12 -6.71
CA TRP B 184 -6.04 -12.76 -7.96
C TRP B 184 -6.97 -11.57 -7.74
N ASN B 185 -7.34 -10.91 -8.84
CA ASN B 185 -8.11 -9.67 -8.76
C ASN B 185 -9.63 -9.93 -8.86
N TYR B 186 -10.14 -10.69 -7.90
CA TYR B 186 -11.57 -10.81 -7.72
C TYR B 186 -11.89 -10.64 -6.23
N ARG B 187 -13.14 -10.29 -5.93
CA ARG B 187 -13.56 -10.12 -4.54
C ARG B 187 -13.58 -11.48 -3.82
N ASP B 188 -12.77 -11.62 -2.78
CA ASP B 188 -12.66 -12.89 -2.08
C ASP B 188 -13.83 -13.01 -1.11
N THR B 189 -14.84 -13.80 -1.49
CA THR B 189 -16.02 -14.03 -0.67
C THR B 189 -16.36 -15.51 -0.67
N PHE B 190 -17.19 -15.87 0.29
N PHE B 190 -17.21 -15.92 0.27
CA PHE B 190 -17.74 -17.21 0.43
CA PHE B 190 -17.61 -17.33 0.33
C PHE B 190 -18.27 -17.76 -0.88
C PHE B 190 -18.21 -17.78 -1.00
N PHE B 191 -19.14 -16.99 -1.55
CA PHE B 191 -19.80 -17.42 -2.79
C PHE B 191 -18.90 -17.30 -4.01
N ASN B 192 -17.71 -16.71 -3.89
CA ASN B 192 -16.72 -16.71 -4.96
C ASN B 192 -15.64 -17.78 -4.78
N LEU B 193 -15.86 -18.75 -3.88
CA LEU B 193 -14.82 -19.74 -3.66
C LEU B 193 -14.66 -20.69 -4.85
N SER B 194 -15.71 -20.86 -5.67
N SER B 194 -15.72 -20.88 -5.65
CA SER B 194 -15.53 -21.71 -6.85
CA SER B 194 -15.57 -21.68 -6.86
C SER B 194 -14.66 -21.01 -7.89
C SER B 194 -14.63 -21.01 -7.84
N LEU B 195 -14.65 -19.67 -7.88
CA LEU B 195 -13.65 -18.93 -8.65
C LEU B 195 -12.25 -19.19 -8.13
N LYS B 196 -12.09 -19.18 -6.80
CA LYS B 196 -10.78 -19.47 -6.24
C LYS B 196 -10.29 -20.84 -6.71
N GLU B 197 -11.21 -21.81 -6.79
CA GLU B 197 -10.86 -23.14 -7.26
C GLU B 197 -10.46 -23.14 -8.73
N VAL B 198 -11.25 -22.49 -9.60
CA VAL B 198 -10.98 -22.54 -11.03
C VAL B 198 -9.67 -21.82 -11.35
N LEU B 199 -9.45 -20.66 -10.73
CA LEU B 199 -8.24 -19.88 -10.97
C LEU B 199 -7.01 -20.62 -10.44
N PHE B 200 -7.15 -21.32 -9.31
CA PHE B 200 -6.04 -22.14 -8.84
C PHE B 200 -5.70 -23.25 -9.84
N LEU B 201 -6.72 -23.99 -10.28
CA LEU B 201 -6.49 -25.04 -11.27
C LEU B 201 -5.87 -24.49 -12.55
N ARG B 202 -6.29 -23.30 -12.97
CA ARG B 202 -5.65 -22.64 -14.11
C ARG B 202 -4.16 -22.42 -13.84
N TRP B 203 -3.84 -21.97 -12.62
CA TRP B 203 -2.43 -21.74 -12.26
C TRP B 203 -1.64 -23.04 -12.25
N VAL B 204 -2.23 -24.11 -11.74
CA VAL B 204 -1.55 -25.41 -11.80
C VAL B 204 -1.24 -25.77 -13.24
N SER B 205 -2.22 -25.55 -14.14
N SER B 205 -2.22 -25.57 -14.14
N SER B 205 -2.22 -25.57 -14.14
CA SER B 205 -2.05 -25.93 -15.54
CA SER B 205 -2.00 -25.96 -15.53
CA SER B 205 -2.03 -25.93 -15.54
C SER B 205 -0.98 -25.11 -16.24
C SER B 205 -0.92 -25.13 -16.20
C SER B 205 -0.91 -25.13 -16.18
N THR B 206 -0.80 -23.85 -15.82
CA THR B 206 0.19 -22.99 -16.47
C THR B 206 1.54 -23.04 -15.76
N SER B 207 1.54 -23.11 -14.43
CA SER B 207 2.73 -22.87 -13.64
C SER B 207 3.19 -24.04 -12.81
N CYS B 208 2.36 -25.08 -12.63
CA CYS B 208 2.84 -26.23 -11.88
C CYS B 208 2.28 -27.53 -12.45
N PRO B 209 2.36 -27.75 -13.77
CA PRO B 209 1.66 -28.91 -14.35
C PRO B 209 2.30 -30.25 -14.04
N ASP B 210 3.51 -30.28 -13.48
CA ASP B 210 4.23 -31.52 -13.24
C ASP B 210 4.19 -31.98 -11.79
N THR B 211 3.42 -31.31 -10.91
CA THR B 211 3.36 -31.78 -9.54
C THR B 211 2.70 -33.15 -9.50
N GLU B 212 3.27 -34.05 -8.69
CA GLU B 212 2.76 -35.40 -8.64
C GLU B 212 1.38 -35.45 -7.99
N PHE B 213 1.21 -34.69 -6.91
CA PHE B 213 -0.04 -34.69 -6.15
C PHE B 213 -0.32 -33.28 -5.67
N VAL B 214 -1.59 -33.04 -5.35
CA VAL B 214 -2.05 -31.75 -4.84
C VAL B 214 -2.88 -31.99 -3.58
N PHE B 215 -2.60 -31.21 -2.53
CA PHE B 215 -3.52 -31.11 -1.40
C PHE B 215 -4.12 -29.71 -1.41
N LYS B 216 -5.44 -29.62 -1.45
CA LYS B 216 -6.12 -28.34 -1.38
C LYS B 216 -6.94 -28.30 -0.11
N GLY B 217 -6.70 -27.30 0.74
CA GLY B 217 -7.35 -27.28 2.02
C GLY B 217 -7.54 -25.88 2.53
N ASP B 218 -8.15 -25.80 3.71
CA ASP B 218 -8.46 -24.55 4.38
C ASP B 218 -7.34 -24.18 5.34
N ASP B 219 -7.34 -22.92 5.80
CA ASP B 219 -6.27 -22.46 6.68
C ASP B 219 -6.62 -22.63 8.16
N ASP B 220 -7.66 -23.41 8.48
CA ASP B 220 -8.02 -23.68 9.87
C ASP B 220 -8.06 -25.18 10.17
N VAL B 221 -7.35 -25.99 9.39
CA VAL B 221 -7.26 -27.42 9.64
C VAL B 221 -5.83 -27.75 10.06
N PHE B 222 -5.70 -28.81 10.86
CA PHE B 222 -4.40 -29.42 11.06
C PHE B 222 -4.27 -30.57 10.06
N VAL B 223 -3.12 -30.66 9.39
CA VAL B 223 -2.86 -31.67 8.37
C VAL B 223 -1.63 -32.46 8.79
N ASN B 224 -1.76 -33.78 8.84
CA ASN B 224 -0.59 -34.60 9.16
C ASN B 224 0.13 -34.86 7.85
N THR B 225 1.00 -33.93 7.44
N THR B 225 1.01 -33.92 7.46
CA THR B 225 1.65 -34.06 6.14
CA THR B 225 1.69 -34.02 6.17
C THR B 225 2.62 -35.24 6.07
C THR B 225 2.57 -35.25 6.09
N HIS B 226 3.17 -35.68 7.20
CA HIS B 226 4.00 -36.89 7.21
C HIS B 226 3.17 -38.11 6.85
N HIS B 227 1.99 -38.24 7.44
CA HIS B 227 1.10 -39.33 7.12
C HIS B 227 0.68 -39.27 5.65
N ILE B 228 0.36 -38.07 5.16
CA ILE B 228 -0.02 -37.92 3.76
C ILE B 228 1.10 -38.40 2.84
N LEU B 229 2.34 -38.02 3.13
CA LEU B 229 3.44 -38.44 2.27
C LEU B 229 3.65 -39.95 2.33
N ASN B 230 3.53 -40.54 3.52
N ASN B 230 3.52 -40.54 3.52
CA ASN B 230 3.63 -41.99 3.62
CA ASN B 230 3.63 -41.99 3.62
C ASN B 230 2.53 -42.68 2.81
C ASN B 230 2.52 -42.70 2.84
N TYR B 231 1.31 -42.13 2.87
CA TYR B 231 0.21 -42.69 2.08
C TYR B 231 0.46 -42.59 0.59
N LEU B 232 0.87 -41.40 0.12
CA LEU B 232 1.12 -41.21 -1.30
C LEU B 232 2.22 -42.13 -1.81
N ASN B 233 3.27 -42.31 -1.01
CA ASN B 233 4.36 -43.19 -1.42
C ASN B 233 3.95 -44.66 -1.44
N SER B 234 2.84 -45.00 -0.75
CA SER B 234 2.35 -46.38 -0.71
C SER B 234 1.46 -46.74 -1.89
N LEU B 235 1.04 -45.77 -2.69
CA LEU B 235 0.01 -46.00 -3.69
C LEU B 235 0.51 -46.86 -4.85
N SER B 236 -0.35 -47.73 -5.35
CA SER B 236 -0.05 -48.41 -6.61
C SER B 236 0.01 -47.39 -7.74
N LYS B 237 0.68 -47.79 -8.82
CA LYS B 237 0.70 -46.95 -10.01
C LYS B 237 -0.71 -46.68 -10.52
N THR B 238 -1.56 -47.71 -10.49
N THR B 238 -1.59 -47.68 -10.45
CA THR B 238 -2.93 -47.55 -10.98
CA THR B 238 -2.93 -47.50 -11.01
C THR B 238 -3.69 -46.53 -10.12
C THR B 238 -3.82 -46.63 -10.12
N LYS B 239 -3.66 -46.72 -8.79
CA LYS B 239 -4.46 -45.87 -7.92
C LYS B 239 -3.95 -44.42 -7.91
N ALA B 240 -2.64 -44.22 -8.07
CA ALA B 240 -2.09 -42.87 -7.98
C ALA B 240 -2.50 -41.99 -9.16
N LYS B 241 -2.79 -42.59 -10.32
CA LYS B 241 -2.94 -41.79 -11.53
C LYS B 241 -4.13 -40.83 -11.45
N ASP B 242 -5.27 -41.28 -10.95
CA ASP B 242 -6.43 -40.41 -10.86
C ASP B 242 -6.94 -40.33 -9.41
N LEU B 243 -6.00 -40.28 -8.47
CA LEU B 243 -6.35 -40.19 -7.06
C LEU B 243 -7.21 -38.98 -6.79
N PHE B 244 -8.31 -39.17 -6.05
CA PHE B 244 -9.05 -38.06 -5.45
C PHE B 244 -9.70 -38.58 -4.18
N ILE B 245 -9.23 -38.14 -3.00
CA ILE B 245 -9.77 -38.66 -1.74
C ILE B 245 -10.07 -37.50 -0.81
N GLY B 246 -11.05 -37.75 0.07
CA GLY B 246 -11.45 -36.75 1.04
C GLY B 246 -12.55 -37.32 1.91
N ASP B 247 -13.23 -36.42 2.62
CA ASP B 247 -14.44 -36.79 3.35
C ASP B 247 -15.60 -36.61 2.38
N VAL B 248 -15.97 -37.69 1.70
CA VAL B 248 -16.90 -37.65 0.58
C VAL B 248 -18.32 -37.90 1.10
N ILE B 249 -19.25 -37.05 0.67
CA ILE B 249 -20.66 -37.14 1.04
C ILE B 249 -21.47 -37.39 -0.23
N HIS B 250 -22.33 -38.42 -0.19
CA HIS B 250 -23.19 -38.81 -1.30
C HIS B 250 -24.63 -38.41 -1.02
N ASN B 251 -25.37 -38.08 -2.09
CA ASN B 251 -26.82 -37.85 -2.03
C ASN B 251 -27.19 -36.71 -1.09
N ALA B 252 -26.30 -35.76 -0.89
CA ALA B 252 -26.68 -34.56 -0.15
C ALA B 252 -27.44 -33.62 -1.07
N GLY B 253 -28.17 -32.70 -0.47
CA GLY B 253 -28.89 -31.68 -1.20
C GLY B 253 -28.67 -30.31 -0.58
N PRO B 254 -29.12 -29.27 -1.29
CA PRO B 254 -28.96 -27.91 -0.77
C PRO B 254 -29.75 -27.71 0.51
N HIS B 255 -29.15 -26.98 1.44
CA HIS B 255 -29.88 -26.57 2.64
C HIS B 255 -30.91 -25.52 2.28
N ARG B 256 -32.16 -25.75 2.70
CA ARG B 256 -33.25 -24.83 2.41
C ARG B 256 -33.53 -23.85 3.54
N ASP B 257 -32.92 -24.05 4.71
CA ASP B 257 -33.12 -23.17 5.85
C ASP B 257 -32.42 -21.82 5.63
N LYS B 258 -33.21 -20.74 5.57
CA LYS B 258 -32.71 -19.41 5.19
C LYS B 258 -31.64 -18.87 6.13
N LYS B 259 -31.50 -19.41 7.34
CA LYS B 259 -30.52 -18.88 8.27
C LYS B 259 -29.22 -19.66 8.26
N LEU B 260 -29.09 -20.68 7.43
CA LEU B 260 -27.91 -21.51 7.42
C LEU B 260 -26.83 -20.92 6.50
N LYS B 261 -25.57 -21.19 6.86
CA LYS B 261 -24.45 -20.67 6.08
C LYS B 261 -24.50 -21.15 4.63
N TYR B 262 -24.89 -22.41 4.43
CA TYR B 262 -24.93 -23.03 3.11
C TYR B 262 -26.35 -23.11 2.55
N TYR B 263 -27.23 -22.22 3.00
CA TYR B 263 -28.55 -22.07 2.40
C TYR B 263 -28.47 -21.79 0.91
N ILE B 264 -29.21 -22.59 0.13
CA ILE B 264 -29.40 -22.35 -1.29
C ILE B 264 -30.90 -22.41 -1.59
N PRO B 265 -31.51 -21.35 -2.10
CA PRO B 265 -32.95 -21.36 -2.35
C PRO B 265 -33.34 -22.29 -3.49
N GLU B 266 -34.63 -22.65 -3.51
CA GLU B 266 -35.14 -23.52 -4.56
C GLU B 266 -35.10 -22.84 -5.92
N VAL B 267 -35.27 -21.52 -5.98
N VAL B 267 -35.27 -21.52 -5.98
CA VAL B 267 -35.20 -20.82 -7.26
CA VAL B 267 -35.21 -20.83 -7.25
C VAL B 267 -33.80 -20.82 -7.84
C VAL B 267 -33.81 -20.90 -7.87
N VAL B 268 -32.79 -21.20 -7.07
CA VAL B 268 -31.41 -21.23 -7.54
C VAL B 268 -30.98 -22.63 -7.95
N TYR B 269 -31.27 -23.65 -7.13
CA TYR B 269 -30.81 -24.99 -7.43
C TYR B 269 -31.83 -26.02 -6.98
N SER B 270 -32.14 -26.97 -7.87
CA SER B 270 -33.07 -28.07 -7.60
C SER B 270 -32.33 -29.40 -7.62
N GLY B 271 -32.79 -30.33 -6.80
CA GLY B 271 -32.26 -31.69 -6.81
C GLY B 271 -31.08 -31.87 -5.87
N LEU B 272 -30.41 -33.01 -6.06
CA LEU B 272 -29.30 -33.44 -5.23
C LEU B 272 -27.96 -32.94 -5.77
N TYR B 273 -27.01 -32.92 -4.92
CA TYR B 273 -25.61 -32.67 -5.26
C TYR B 273 -24.93 -33.95 -5.71
N PRO B 274 -23.97 -33.87 -6.63
CA PRO B 274 -23.13 -35.03 -6.92
C PRO B 274 -22.31 -35.40 -5.68
N PRO B 275 -21.70 -36.58 -5.65
CA PRO B 275 -20.76 -36.87 -4.56
C PRO B 275 -19.63 -35.85 -4.54
N TYR B 276 -19.27 -35.39 -3.36
CA TYR B 276 -18.20 -34.41 -3.27
C TYR B 276 -17.48 -34.53 -1.93
N ALA B 277 -16.18 -34.24 -1.97
CA ALA B 277 -15.36 -34.16 -0.77
C ALA B 277 -15.47 -32.74 -0.21
N GLY B 278 -15.76 -32.63 1.08
CA GLY B 278 -15.88 -31.33 1.68
C GLY B 278 -15.22 -31.29 3.04
N GLY B 279 -15.38 -30.17 3.74
CA GLY B 279 -15.06 -30.11 5.15
C GLY B 279 -13.65 -29.73 5.53
N GLY B 280 -12.82 -29.26 4.58
CA GLY B 280 -11.55 -28.71 4.99
C GLY B 280 -10.33 -29.09 4.18
N GLY B 281 -10.41 -30.14 3.38
CA GLY B 281 -9.29 -30.47 2.51
C GLY B 281 -9.49 -31.76 1.74
N PHE B 282 -8.83 -31.89 0.59
CA PHE B 282 -8.84 -33.13 -0.16
C PHE B 282 -7.51 -33.28 -0.90
N LEU B 283 -7.26 -34.49 -1.40
CA LEU B 283 -5.95 -34.84 -1.92
C LEU B 283 -6.14 -35.52 -3.28
N TYR B 284 -5.36 -35.09 -4.28
CA TYR B 284 -5.57 -35.64 -5.62
C TYR B 284 -4.30 -35.58 -6.45
N SER B 285 -4.32 -36.29 -7.58
CA SER B 285 -3.14 -36.33 -8.42
C SER B 285 -3.05 -35.09 -9.31
N GLY B 286 -1.80 -34.71 -9.62
CA GLY B 286 -1.59 -33.64 -10.59
C GLY B 286 -2.18 -33.97 -11.95
N HIS B 287 -2.11 -35.24 -12.36
CA HIS B 287 -2.72 -35.63 -13.63
C HIS B 287 -4.21 -35.30 -13.65
N LEU B 288 -4.90 -35.57 -12.56
CA LEU B 288 -6.31 -35.24 -12.47
C LEU B 288 -6.53 -33.74 -12.33
N ALA B 289 -5.59 -33.01 -11.71
CA ALA B 289 -5.71 -31.56 -11.64
C ALA B 289 -5.78 -30.96 -13.04
N LEU B 290 -4.99 -31.49 -13.98
CA LEU B 290 -5.04 -30.98 -15.34
C LEU B 290 -6.35 -31.34 -16.01
N ARG B 291 -6.85 -32.56 -15.77
CA ARG B 291 -8.15 -32.93 -16.33
C ARG B 291 -9.27 -32.07 -15.74
N LEU B 292 -9.21 -31.80 -14.44
CA LEU B 292 -10.23 -30.95 -13.83
C LEU B 292 -10.22 -29.56 -14.44
N TYR B 293 -9.05 -28.96 -14.60
CA TYR B 293 -9.04 -27.61 -15.17
C TYR B 293 -9.69 -27.57 -16.54
N HIS B 294 -9.36 -28.55 -17.39
N HIS B 294 -9.41 -28.56 -17.38
CA HIS B 294 -9.91 -28.58 -18.74
CA HIS B 294 -9.93 -28.49 -18.75
C HIS B 294 -11.44 -28.60 -18.72
C HIS B 294 -11.39 -28.86 -18.87
N ILE B 295 -12.02 -29.35 -17.79
CA ILE B 295 -13.48 -29.52 -17.78
C ILE B 295 -14.21 -28.32 -17.17
N THR B 296 -13.50 -27.41 -16.46
CA THR B 296 -14.20 -26.35 -15.72
C THR B 296 -15.04 -25.46 -16.64
N ASP B 297 -14.60 -25.23 -17.88
CA ASP B 297 -15.37 -24.41 -18.82
C ASP B 297 -16.79 -24.92 -19.00
N GLN B 298 -17.00 -26.23 -18.85
CA GLN B 298 -18.29 -26.85 -19.12
C GLN B 298 -19.22 -26.88 -17.91
N VAL B 299 -18.81 -26.28 -16.79
CA VAL B 299 -19.61 -26.25 -15.57
C VAL B 299 -19.71 -24.80 -15.09
N HIS B 300 -20.93 -24.28 -15.01
CA HIS B 300 -21.15 -22.97 -14.41
C HIS B 300 -20.62 -22.95 -12.98
N LEU B 301 -20.07 -21.81 -12.56
CA LEU B 301 -19.68 -21.66 -11.17
C LEU B 301 -20.87 -21.92 -10.25
N TYR B 302 -20.57 -22.39 -9.05
CA TYR B 302 -21.61 -22.67 -8.07
C TYR B 302 -21.22 -22.02 -6.75
N PRO B 303 -22.19 -21.59 -5.93
CA PRO B 303 -21.83 -20.80 -4.74
C PRO B 303 -21.08 -21.59 -3.67
N ILE B 304 -21.06 -22.92 -3.74
CA ILE B 304 -20.34 -23.75 -2.78
C ILE B 304 -19.18 -24.41 -3.53
N ASP B 305 -17.94 -24.07 -3.16
CA ASP B 305 -16.81 -24.48 -3.99
C ASP B 305 -16.63 -25.99 -3.99
N ASP B 306 -16.85 -26.65 -2.86
CA ASP B 306 -16.60 -28.09 -2.83
C ASP B 306 -17.62 -28.87 -3.64
N VAL B 307 -18.84 -28.34 -3.76
CA VAL B 307 -19.83 -28.95 -4.66
C VAL B 307 -19.42 -28.75 -6.11
N TYR B 308 -18.93 -27.55 -6.46
CA TYR B 308 -18.46 -27.32 -7.81
C TYR B 308 -17.40 -28.33 -8.22
N THR B 309 -16.41 -28.56 -7.35
CA THR B 309 -15.40 -29.58 -7.65
C THR B 309 -16.04 -30.95 -7.86
N GLY B 310 -17.05 -31.29 -7.05
CA GLY B 310 -17.75 -32.54 -7.26
C GLY B 310 -18.47 -32.60 -8.60
N MET B 311 -19.07 -31.47 -9.02
CA MET B 311 -19.71 -31.43 -10.32
C MET B 311 -18.71 -31.66 -11.45
N CYS B 312 -17.49 -31.13 -11.31
CA CYS B 312 -16.48 -31.31 -12.35
C CYS B 312 -16.00 -32.76 -12.41
N LEU B 313 -15.78 -33.40 -11.25
CA LEU B 313 -15.40 -34.81 -11.25
C LEU B 313 -16.47 -35.67 -11.91
N GLN B 314 -17.73 -35.38 -11.63
CA GLN B 314 -18.82 -36.14 -12.23
C GLN B 314 -18.78 -36.01 -13.75
N LYS B 315 -18.54 -34.80 -14.24
CA LYS B 315 -18.47 -34.58 -15.69
C LYS B 315 -17.28 -35.28 -16.31
N LEU B 316 -16.26 -35.60 -15.52
CA LEU B 316 -15.15 -36.43 -15.97
C LEU B 316 -15.48 -37.91 -15.92
N GLY B 317 -16.62 -38.29 -15.34
CA GLY B 317 -16.92 -39.70 -15.18
C GLY B 317 -16.27 -40.34 -13.98
N LEU B 318 -15.86 -39.56 -12.99
CA LEU B 318 -15.15 -40.05 -11.82
C LEU B 318 -15.97 -39.81 -10.56
N VAL B 319 -15.67 -40.57 -9.52
CA VAL B 319 -16.33 -40.44 -8.23
C VAL B 319 -15.24 -40.24 -7.19
N PRO B 320 -15.27 -39.17 -6.40
CA PRO B 320 -14.28 -39.00 -5.33
C PRO B 320 -14.44 -40.10 -4.28
N GLU B 321 -13.32 -40.48 -3.69
CA GLU B 321 -13.24 -41.66 -2.83
C GLU B 321 -13.15 -41.24 -1.37
N LYS B 322 -14.00 -41.82 -0.53
CA LYS B 322 -13.98 -41.46 0.89
C LYS B 322 -12.77 -42.09 1.56
N HIS B 323 -12.06 -41.32 2.37
CA HIS B 323 -10.94 -41.82 3.14
C HIS B 323 -11.14 -41.47 4.60
N LYS B 324 -11.03 -42.48 5.47
CA LYS B 324 -11.32 -42.36 6.89
C LYS B 324 -10.48 -41.29 7.59
N GLY B 325 -9.29 -41.00 7.06
CA GLY B 325 -8.36 -40.07 7.71
C GLY B 325 -8.74 -38.60 7.65
N PHE B 326 -9.79 -38.23 6.94
CA PHE B 326 -10.24 -36.83 6.87
C PHE B 326 -11.30 -36.61 7.95
N ARG B 327 -10.89 -36.03 9.08
CA ARG B 327 -11.77 -35.86 10.24
C ARG B 327 -12.33 -34.44 10.24
N THR B 328 -13.34 -34.23 9.41
CA THR B 328 -13.86 -32.88 9.22
C THR B 328 -14.77 -32.42 10.35
N PHE B 329 -15.14 -33.30 11.27
CA PHE B 329 -15.90 -32.90 12.46
C PHE B 329 -15.13 -33.23 13.72
N ASP B 330 -13.79 -33.22 13.63
CA ASP B 330 -12.88 -33.37 14.77
C ASP B 330 -12.84 -34.82 15.24
N ILE B 331 -12.25 -35.05 16.40
CA ILE B 331 -12.14 -36.38 16.98
C ILE B 331 -12.71 -36.31 18.39
N GLU B 332 -12.86 -37.48 18.99
CA GLU B 332 -13.54 -37.56 20.28
C GLU B 332 -12.73 -36.83 21.34
N GLU B 333 -13.46 -36.17 22.25
CA GLU B 333 -12.87 -35.18 23.15
C GLU B 333 -11.62 -35.70 23.86
N LYS B 334 -11.69 -36.87 24.48
CA LYS B 334 -10.56 -37.34 25.26
C LYS B 334 -9.39 -37.72 24.37
N ASN B 335 -9.66 -38.11 23.11
CA ASN B 335 -8.58 -38.39 22.17
C ASN B 335 -7.88 -37.12 21.69
N LYS B 336 -8.52 -35.96 21.84
CA LYS B 336 -7.95 -34.70 21.38
C LYS B 336 -6.63 -34.38 22.04
N ASN B 337 -6.45 -34.84 23.28
CA ASN B 337 -5.27 -34.50 24.06
C ASN B 337 -4.15 -35.52 23.91
N ASN B 338 -4.43 -36.65 23.24
CA ASN B 338 -3.48 -37.73 23.07
C ASN B 338 -2.86 -37.60 21.68
N ILE B 339 -1.55 -37.32 21.63
CA ILE B 339 -0.89 -37.11 20.34
C ILE B 339 -0.97 -38.36 19.48
N CYS B 340 -1.12 -39.54 20.10
CA CYS B 340 -1.24 -40.77 19.32
C CYS B 340 -2.45 -40.73 18.38
N SER B 341 -3.51 -40.02 18.78
CA SER B 341 -4.70 -39.92 17.92
C SER B 341 -4.39 -39.26 16.57
N TYR B 342 -3.35 -38.44 16.50
CA TYR B 342 -3.07 -37.69 15.27
C TYR B 342 -2.15 -38.42 14.31
N VAL B 343 -1.55 -39.54 14.74
CA VAL B 343 -0.57 -40.21 13.90
C VAL B 343 -1.23 -40.85 12.68
N ASP B 344 -2.43 -41.41 12.86
CA ASP B 344 -3.05 -42.20 11.79
C ASP B 344 -4.15 -41.45 11.05
N LEU B 345 -4.11 -40.13 11.03
CA LEU B 345 -5.12 -39.39 10.28
C LEU B 345 -4.45 -38.42 9.31
N MET B 346 -5.26 -37.92 8.38
N MET B 346 -5.26 -37.95 8.36
CA MET B 346 -4.79 -37.00 7.35
CA MET B 346 -4.81 -37.01 7.33
C MET B 346 -5.06 -35.54 7.67
C MET B 346 -5.02 -35.56 7.76
N LEU B 347 -6.23 -35.24 8.22
CA LEU B 347 -6.49 -33.88 8.67
C LEU B 347 -7.57 -33.88 9.73
N VAL B 348 -7.57 -32.82 10.54
N VAL B 348 -7.58 -32.80 10.51
CA VAL B 348 -8.61 -32.59 11.54
CA VAL B 348 -8.56 -32.55 11.56
C VAL B 348 -9.04 -31.13 11.46
C VAL B 348 -9.03 -31.12 11.44
N HIS B 349 -10.35 -30.91 11.43
CA HIS B 349 -10.95 -29.59 11.43
C HIS B 349 -11.68 -29.44 12.76
N SER B 350 -11.52 -28.32 13.48
CA SER B 350 -10.65 -27.21 13.10
C SER B 350 -9.66 -26.95 14.24
N ARG B 351 -8.53 -26.29 13.93
CA ARG B 351 -7.51 -26.00 14.93
C ARG B 351 -7.02 -24.56 14.75
N LYS B 352 -6.78 -23.89 15.88
CA LYS B 352 -6.23 -22.54 15.91
C LYS B 352 -4.74 -22.57 15.60
N PRO B 353 -4.15 -21.41 15.24
CA PRO B 353 -2.70 -21.37 14.97
C PRO B 353 -1.83 -21.96 16.06
N GLN B 354 -2.06 -21.59 17.32
CA GLN B 354 -1.29 -22.15 18.43
C GLN B 354 -1.46 -23.67 18.54
N GLU B 355 -2.67 -24.17 18.27
CA GLU B 355 -2.90 -25.61 18.37
C GLU B 355 -2.18 -26.36 17.25
N MET B 356 -2.13 -25.79 16.05
CA MET B 356 -1.40 -26.41 14.95
C MET B 356 0.06 -26.63 15.32
N ILE B 357 0.70 -25.60 15.88
CA ILE B 357 2.11 -25.67 16.21
C ILE B 357 2.35 -26.66 17.35
N ASP B 358 1.49 -26.64 18.35
CA ASP B 358 1.61 -27.57 19.47
C ASP B 358 1.47 -29.02 19.01
N ILE B 359 0.43 -29.31 18.22
CA ILE B 359 0.25 -30.67 17.71
C ILE B 359 1.46 -31.07 16.88
N TRP B 360 1.87 -30.21 15.95
CA TRP B 360 3.00 -30.54 15.08
C TRP B 360 4.28 -30.82 15.89
N SER B 361 4.56 -29.99 16.90
N SER B 361 4.54 -29.99 16.90
CA SER B 361 5.75 -30.20 17.71
CA SER B 361 5.75 -30.19 17.71
C SER B 361 5.71 -31.55 18.42
C SER B 361 5.71 -31.54 18.43
N GLN B 362 4.57 -31.88 19.01
CA GLN B 362 4.45 -33.16 19.71
C GLN B 362 4.54 -34.34 18.74
N LEU B 363 4.03 -34.17 17.52
CA LEU B 363 4.01 -35.28 16.57
C LEU B 363 5.41 -35.72 16.18
N GLN B 364 6.41 -34.82 16.29
CA GLN B 364 7.76 -35.17 15.85
C GLN B 364 8.34 -36.32 16.65
N SER B 365 7.95 -36.46 17.91
CA SER B 365 8.41 -37.57 18.74
C SER B 365 7.31 -38.59 19.03
N ALA B 366 6.18 -38.53 18.31
CA ALA B 366 5.08 -39.45 18.59
C ALA B 366 5.45 -40.89 18.28
N HIS B 367 6.41 -41.13 17.39
CA HIS B 367 6.83 -42.49 17.11
C HIS B 367 7.48 -43.15 18.32
N LEU B 368 7.98 -42.35 19.27
CA LEU B 368 8.64 -42.87 20.48
C LEU B 368 7.67 -43.20 21.61
N LYS B 369 6.44 -42.69 21.56
CA LYS B 369 5.49 -42.92 22.65
C LYS B 369 4.20 -43.58 22.19
N CYS B 370 4.04 -43.85 20.89
CA CYS B 370 2.82 -44.47 20.38
C CYS B 370 3.15 -45.80 19.72
#